data_5NFH
#
_entry.id   5NFH
#
_cell.length_a   87.090
_cell.length_b   105.985
_cell.length_c   207.071
_cell.angle_alpha   90.000
_cell.angle_beta   90.000
_cell.angle_gamma   90.000
#
_symmetry.space_group_name_H-M   'P 21 21 21'
#
loop_
_entity.id
_entity.type
_entity.pdbx_description
1 polymer 'Methionyl-tRNA synthetase, putative'
2 non-polymer GLYCEROL
3 non-polymer 'DIMETHYL SULFOXIDE'
4 non-polymer METHIONINE
5 non-polymer 2-[3-[[4,6-bis(chloranyl)-1~{H}-indol-2-yl]methylamino]propylamino]-3~{H}-quinazolin-4-one
6 water water
#
_entity_poly.entity_id   1
_entity_poly.type   'polypeptide(L)'
_entity_poly.pdbx_seq_one_letter_code
;GPGSMKVEKVFFVTSPIYYVNAAPHIGHVYSTLITDVIGRYHRVKGERVFALTGTDEHGQKVAEAAKQKQVSPYDFTTAV
AGEFKKCFEQMDYSIDYFIRTTNEQHKAVVKELWTKLEQKGDIYLGRYEGWYSISDESFLTPQNITDGVDKDGNPCKVSL
ESGHVVTWVSEENYMFRLSAFRERLLEWYHANPGCIVPEFRRREVIRAVEKGLPDLSVSRARATLHNWAIPVPGNPDHCV
YVWLDALTNYLTGSRLRVDESGKEVSLVDDFNELERFPADVHVIGKDILKFHAIYWPAFLLSAGLPLPKKIVAHGWWTKD
RKKISKSLGNVFDPVEKAEEFGYDALKYFLLRESGFSDDGDYSDKNMIARLNGELADTLGNLVMRCTSAKINVNGEWPSP
AAYTEEDESLIQLIKDLPGTADHYYLIPDIQKAIIAVFDVLRAINAYVTDMAPWKLVKTDPERLRTVLYITLEGVRVTTL
LLSPILPRKSVVIFDMLGVPEVHRKGIENFEFGAVPPGTRLGPAVEGEVLFSKRST
;
_entity_poly.pdbx_strand_id   A,B
#
loop_
_chem_comp.id
_chem_comp.type
_chem_comp.name
_chem_comp.formula
8W2 non-polymer 2-[3-[[4,6-bis(chloranyl)-1~{H}-indol-2-yl]methylamino]propylamino]-3~{H}-quinazolin-4-one 'C20 H19 Cl2 N5 O'
DMS non-polymer 'DIMETHYL SULFOXIDE' 'C2 H6 O S'
GOL non-polymer GLYCEROL 'C3 H8 O3'
#
# COMPACT_ATOMS: atom_id res chain seq x y z
N VAL A 7 -24.52 -20.44 -0.45
CA VAL A 7 -25.57 -20.42 -1.46
C VAL A 7 -25.00 -20.23 -2.86
N GLU A 8 -25.27 -21.18 -3.73
CA GLU A 8 -24.91 -21.02 -5.09
C GLU A 8 -26.12 -20.41 -5.73
N LYS A 9 -25.98 -19.18 -6.15
CA LYS A 9 -27.09 -18.49 -6.73
C LYS A 9 -26.55 -17.59 -7.77
N VAL A 10 -27.41 -16.94 -8.50
CA VAL A 10 -26.97 -16.00 -9.51
C VAL A 10 -26.69 -14.73 -8.76
N PHE A 11 -25.53 -14.15 -8.99
CA PHE A 11 -25.21 -12.89 -8.36
C PHE A 11 -26.06 -11.82 -9.01
N PHE A 12 -26.84 -11.13 -8.21
CA PHE A 12 -27.86 -10.24 -8.74
C PHE A 12 -27.53 -8.84 -8.31
N VAL A 13 -27.17 -8.02 -9.27
CA VAL A 13 -26.84 -6.63 -9.03
C VAL A 13 -27.72 -5.70 -9.86
N THR A 14 -28.21 -4.63 -9.26
CA THR A 14 -29.18 -3.75 -9.94
C THR A 14 -28.72 -2.30 -9.97
N SER A 15 -29.33 -1.50 -10.82
CA SER A 15 -29.16 -0.05 -10.75
C SER A 15 -30.52 0.52 -10.46
N PRO A 16 -30.61 1.85 -10.20
CA PRO A 16 -31.98 2.28 -10.11
C PRO A 16 -32.61 2.24 -11.50
N ILE A 17 -33.94 2.32 -11.56
CA ILE A 17 -34.61 2.60 -12.83
C ILE A 17 -34.97 4.08 -12.87
N TYR A 18 -34.62 4.73 -13.95
CA TYR A 18 -34.59 6.20 -13.99
C TYR A 18 -35.87 6.81 -14.54
N TYR A 19 -36.36 7.91 -13.96
CA TYR A 19 -37.54 8.59 -14.50
C TYR A 19 -37.24 9.02 -15.91
N VAL A 20 -38.26 8.92 -16.77
CA VAL A 20 -38.11 9.23 -18.20
C VAL A 20 -38.68 10.61 -18.55
N ASN A 21 -38.67 11.53 -17.60
CA ASN A 21 -39.14 12.89 -17.81
C ASN A 21 -38.15 13.73 -18.62
N ALA A 22 -36.94 13.21 -18.79
CA ALA A 22 -35.93 13.89 -19.57
C ALA A 22 -34.89 12.92 -20.08
N ALA A 23 -34.05 13.39 -20.99
CA ALA A 23 -33.07 12.56 -21.64
C ALA A 23 -32.05 12.06 -20.62
N PRO A 24 -31.44 10.89 -20.91
CA PRO A 24 -30.40 10.35 -20.06
C PRO A 24 -29.16 11.23 -20.00
N HIS A 25 -28.55 11.34 -18.84
CA HIS A 25 -27.37 12.15 -18.68
C HIS A 25 -26.34 11.47 -17.80
N ILE A 26 -25.25 12.19 -17.52
CA ILE A 26 -24.33 11.76 -16.48
C ILE A 26 -25.18 11.58 -15.24
N GLY A 27 -24.85 10.66 -14.37
CA GLY A 27 -25.72 10.44 -13.24
C GLY A 27 -26.42 9.14 -13.45
N HIS A 28 -27.18 9.06 -14.52
CA HIS A 28 -27.74 7.77 -14.94
C HIS A 28 -26.59 6.87 -15.38
N VAL A 29 -25.72 7.44 -16.20
CA VAL A 29 -24.58 6.71 -16.69
C VAL A 29 -23.65 6.28 -15.57
N TYR A 30 -23.51 7.10 -14.55
CA TYR A 30 -22.67 6.76 -13.42
C TYR A 30 -23.26 5.62 -12.63
N SER A 31 -24.54 5.71 -12.30
CA SER A 31 -25.15 4.70 -11.47
C SER A 31 -25.11 3.37 -12.17
N THR A 32 -25.32 3.38 -13.47
CA THR A 32 -25.40 2.13 -14.21
C THR A 32 -23.99 1.59 -14.43
N LEU A 33 -23.04 2.50 -14.63
CA LEU A 33 -21.64 2.16 -14.66
C LEU A 33 -21.18 1.34 -13.44
N ILE A 34 -21.55 1.79 -12.24
CA ILE A 34 -21.23 1.09 -11.03
C ILE A 34 -21.85 -0.28 -11.05
N THR A 35 -23.15 -0.34 -11.32
CA THR A 35 -23.80 -1.63 -11.47
C THR A 35 -23.05 -2.52 -12.44
N ASP A 36 -22.76 -2.00 -13.61
CA ASP A 36 -22.03 -2.72 -14.62
C ASP A 36 -20.73 -3.29 -14.11
N VAL A 37 -19.90 -2.45 -13.49
CA VAL A 37 -18.59 -2.85 -12.97
C VAL A 37 -18.62 -3.99 -11.94
N ILE A 38 -19.45 -3.82 -10.91
CA ILE A 38 -19.67 -4.88 -9.95
C ILE A 38 -20.05 -6.17 -10.67
N GLY A 39 -21.01 -6.11 -11.56
CA GLY A 39 -21.43 -7.30 -12.25
C GLY A 39 -20.30 -7.89 -13.07
N ARG A 40 -19.50 -7.03 -13.68
CA ARG A 40 -18.37 -7.51 -14.50
C ARG A 40 -17.31 -8.17 -13.65
N TYR A 41 -17.02 -7.63 -12.48
CA TYR A 41 -16.05 -8.26 -11.61
C TYR A 41 -16.49 -9.65 -11.19
N HIS A 42 -17.76 -9.85 -10.91
CA HIS A 42 -18.16 -11.19 -10.50
C HIS A 42 -18.14 -12.18 -11.63
N ARG A 43 -18.26 -11.69 -12.84
CA ARG A 43 -18.09 -12.56 -13.98
C ARG A 43 -16.65 -13.03 -14.15
N VAL A 44 -15.67 -12.14 -13.96
CA VAL A 44 -14.29 -12.57 -14.09
C VAL A 44 -13.91 -13.57 -12.97
N LYS A 45 -14.63 -13.54 -11.86
CA LYS A 45 -14.46 -14.57 -10.83
C LYS A 45 -15.11 -15.87 -11.25
N GLY A 46 -15.78 -15.87 -12.39
CA GLY A 46 -16.43 -17.06 -12.90
C GLY A 46 -17.77 -17.33 -12.22
N GLU A 47 -18.39 -16.28 -11.69
CA GLU A 47 -19.69 -16.41 -11.07
C GLU A 47 -20.81 -16.17 -12.07
N ARG A 48 -22.00 -16.74 -11.80
CA ARG A 48 -23.19 -16.42 -12.60
C ARG A 48 -23.66 -15.04 -12.19
N VAL A 49 -23.94 -14.21 -13.18
CA VAL A 49 -24.30 -12.84 -12.90
C VAL A 49 -25.57 -12.44 -13.64
N PHE A 50 -26.44 -11.68 -12.97
CA PHE A 50 -27.53 -10.99 -13.64
C PHE A 50 -27.59 -9.51 -13.26
N ALA A 51 -27.23 -8.64 -14.18
CA ALA A 51 -27.22 -7.22 -13.89
C ALA A 51 -28.40 -6.51 -14.49
N LEU A 52 -29.08 -5.68 -13.70
CA LEU A 52 -30.33 -5.07 -14.17
C LEU A 52 -30.27 -3.54 -14.24
N THR A 53 -30.88 -2.99 -15.29
CA THR A 53 -31.09 -1.56 -15.37
C THR A 53 -32.45 -1.31 -16.04
N GLY A 54 -32.86 -0.06 -16.19
CA GLY A 54 -34.14 0.24 -16.76
C GLY A 54 -34.73 1.61 -16.48
N THR A 55 -36.03 1.75 -16.73
CA THR A 55 -36.68 3.05 -16.66
C THR A 55 -37.96 3.01 -15.86
N ASP A 56 -38.25 4.14 -15.20
CA ASP A 56 -39.39 4.29 -14.31
C ASP A 56 -40.43 5.15 -15.03
N GLU A 57 -41.50 4.55 -15.50
CA GLU A 57 -42.23 5.21 -16.59
C GLU A 57 -43.58 5.78 -16.20
N HIS A 58 -44.13 5.33 -15.10
CA HIS A 58 -45.40 5.82 -14.63
C HIS A 58 -45.24 7.01 -13.72
N GLY A 59 -46.35 7.44 -13.17
CA GLY A 59 -46.35 8.52 -12.20
C GLY A 59 -46.77 9.89 -12.71
N GLN A 60 -47.02 10.78 -11.75
CA GLN A 60 -47.39 12.14 -12.02
C GLN A 60 -46.27 12.92 -12.67
N LYS A 61 -45.06 12.75 -12.13
CA LYS A 61 -43.88 13.42 -12.64
C LYS A 61 -43.74 13.23 -14.14
N VAL A 62 -43.65 11.97 -14.56
CA VAL A 62 -43.51 11.63 -15.97
C VAL A 62 -44.69 12.04 -16.80
N ALA A 63 -45.89 11.81 -16.28
CA ALA A 63 -47.12 12.21 -16.99
C ALA A 63 -47.12 13.69 -17.29
N GLU A 64 -46.75 14.50 -16.31
CA GLU A 64 -46.77 15.94 -16.48
C GLU A 64 -45.60 16.44 -17.32
N ALA A 65 -44.59 15.61 -17.51
CA ALA A 65 -43.48 15.96 -18.38
C ALA A 65 -43.85 15.69 -19.84
N ALA A 66 -44.66 14.65 -20.02
CA ALA A 66 -45.17 14.23 -21.31
C ALA A 66 -46.23 15.21 -21.81
N LYS A 67 -47.00 15.76 -20.89
CA LYS A 67 -48.01 16.73 -21.22
C LYS A 67 -47.35 18.02 -21.57
N GLN A 68 -46.27 18.34 -20.89
CA GLN A 68 -45.60 19.58 -21.13
C GLN A 68 -44.96 19.57 -22.48
N LYS A 69 -44.87 18.41 -23.08
CA LYS A 69 -44.29 18.30 -24.40
C LYS A 69 -45.34 17.94 -25.39
N GLN A 70 -46.59 18.16 -25.02
CA GLN A 70 -47.68 17.96 -25.93
C GLN A 70 -47.59 16.62 -26.62
N VAL A 71 -47.36 15.57 -25.86
CA VAL A 71 -47.38 14.23 -26.43
C VAL A 71 -48.13 13.27 -25.53
N SER A 72 -48.57 12.16 -26.08
CA SER A 72 -49.10 11.06 -25.29
C SER A 72 -48.05 10.45 -24.37
N PRO A 73 -48.48 10.02 -23.17
CA PRO A 73 -47.55 9.33 -22.27
C PRO A 73 -46.97 8.05 -22.86
N TYR A 74 -47.76 7.24 -23.54
CA TYR A 74 -47.25 6.04 -24.20
C TYR A 74 -46.13 6.38 -25.18
N ASP A 75 -46.33 7.42 -25.97
CA ASP A 75 -45.36 7.83 -26.98
C ASP A 75 -44.11 8.41 -26.35
N PHE A 76 -44.30 9.13 -25.25
CA PHE A 76 -43.22 9.86 -24.63
C PHE A 76 -42.31 8.95 -23.83
N THR A 77 -42.90 8.05 -23.05
CA THR A 77 -42.10 7.10 -22.34
C THR A 77 -41.32 6.25 -23.33
N THR A 78 -41.97 5.77 -24.38
CA THR A 78 -41.31 4.89 -25.33
C THR A 78 -40.15 5.61 -26.01
N ALA A 79 -40.33 6.89 -26.31
CA ALA A 79 -39.26 7.65 -26.94
C ALA A 79 -38.05 7.75 -26.02
N VAL A 80 -38.26 8.31 -24.81
CA VAL A 80 -37.18 8.58 -23.88
C VAL A 80 -36.51 7.30 -23.44
N ALA A 81 -37.28 6.28 -23.16
CA ALA A 81 -36.71 4.97 -22.91
C ALA A 81 -35.80 4.51 -24.04
N GLY A 82 -36.16 4.80 -25.27
CA GLY A 82 -35.34 4.40 -26.37
C GLY A 82 -34.05 5.19 -26.37
N GLU A 83 -34.11 6.42 -25.88
CA GLU A 83 -32.93 7.26 -25.78
C GLU A 83 -31.99 6.69 -24.74
N PHE A 84 -32.55 6.29 -23.60
CA PHE A 84 -31.81 5.64 -22.53
C PHE A 84 -31.15 4.36 -23.00
N LYS A 85 -31.83 3.59 -23.84
CA LYS A 85 -31.27 2.35 -24.38
C LYS A 85 -30.14 2.63 -25.32
N LYS A 86 -30.26 3.68 -26.11
CA LYS A 86 -29.20 4.02 -27.02
C LYS A 86 -27.99 4.55 -26.25
N CYS A 87 -28.22 5.26 -25.16
CA CYS A 87 -27.12 5.82 -24.40
C CYS A 87 -26.36 4.68 -23.74
N PHE A 88 -27.06 3.75 -23.12
CA PHE A 88 -26.38 2.66 -22.45
C PHE A 88 -25.69 1.70 -23.42
N GLU A 89 -26.10 1.68 -24.67
CA GLU A 89 -25.45 0.79 -25.62
C GLU A 89 -24.17 1.44 -26.05
N GLN A 90 -24.25 2.75 -26.27
CA GLN A 90 -23.11 3.49 -26.75
C GLN A 90 -22.03 3.50 -25.68
N MET A 91 -22.47 3.46 -24.43
CA MET A 91 -21.56 3.46 -23.30
C MET A 91 -20.91 2.10 -23.09
N ASP A 92 -21.34 1.10 -23.84
CA ASP A 92 -20.63 -0.17 -23.89
C ASP A 92 -20.66 -0.91 -22.58
N TYR A 93 -21.80 -0.91 -21.90
CA TYR A 93 -21.97 -1.70 -20.69
C TYR A 93 -22.08 -3.17 -20.99
N SER A 94 -22.43 -3.96 -19.99
CA SER A 94 -22.74 -5.35 -20.22
C SER A 94 -23.89 -5.74 -19.27
N ILE A 95 -24.97 -4.96 -19.36
CA ILE A 95 -26.15 -5.20 -18.56
C ILE A 95 -26.93 -6.34 -19.18
N ASP A 96 -27.43 -7.25 -18.36
CA ASP A 96 -28.14 -8.42 -18.86
C ASP A 96 -29.57 -8.14 -19.31
N TYR A 97 -30.21 -7.15 -18.72
CA TYR A 97 -31.57 -6.82 -19.12
C TYR A 97 -31.94 -5.38 -18.80
N PHE A 98 -32.78 -4.81 -19.65
CA PHE A 98 -33.25 -3.44 -19.49
C PHE A 98 -34.77 -3.48 -19.29
N ILE A 99 -35.24 -3.24 -18.07
CA ILE A 99 -36.66 -3.39 -17.76
C ILE A 99 -37.36 -2.05 -17.89
N ARG A 100 -38.62 -2.07 -18.29
CA ARG A 100 -39.45 -0.87 -18.30
C ARG A 100 -40.68 -1.13 -17.47
N THR A 101 -41.15 -0.15 -16.70
CA THR A 101 -42.24 -0.44 -15.80
C THR A 101 -43.58 -0.45 -16.53
N THR A 102 -43.58 -0.10 -17.81
CA THR A 102 -44.78 -0.22 -18.62
C THR A 102 -44.94 -1.63 -19.16
N ASN A 103 -43.93 -2.45 -18.97
CA ASN A 103 -43.96 -3.83 -19.38
C ASN A 103 -45.12 -4.53 -18.73
N GLU A 104 -45.79 -5.38 -19.49
CA GLU A 104 -47.02 -5.98 -19.02
C GLU A 104 -46.72 -7.04 -17.97
N GLN A 105 -45.52 -7.61 -17.99
CA GLN A 105 -45.14 -8.67 -17.05
C GLN A 105 -44.77 -8.06 -15.72
N HIS A 106 -44.19 -6.88 -15.78
CA HIS A 106 -43.96 -6.09 -14.58
C HIS A 106 -45.23 -5.70 -13.88
N LYS A 107 -46.21 -5.21 -14.65
CA LYS A 107 -47.50 -4.83 -14.07
C LYS A 107 -48.14 -5.96 -13.31
N ALA A 108 -47.91 -7.17 -13.75
CA ALA A 108 -48.49 -8.32 -13.08
C ALA A 108 -47.83 -8.61 -11.74
N VAL A 109 -46.51 -8.42 -11.67
CA VAL A 109 -45.80 -8.62 -10.43
C VAL A 109 -46.25 -7.57 -9.40
N VAL A 110 -46.42 -6.34 -9.83
CA VAL A 110 -46.94 -5.30 -8.94
C VAL A 110 -48.29 -5.64 -8.34
N LYS A 111 -49.21 -6.14 -9.17
CA LYS A 111 -50.53 -6.53 -8.66
C LYS A 111 -50.42 -7.71 -7.68
N GLU A 112 -49.58 -8.68 -8.00
CA GLU A 112 -49.30 -9.79 -7.08
C GLU A 112 -48.81 -9.31 -5.74
N LEU A 113 -47.83 -8.42 -5.76
CA LEU A 113 -47.23 -7.94 -4.53
C LEU A 113 -48.26 -7.14 -3.76
N TRP A 114 -48.98 -6.27 -4.44
CA TRP A 114 -50.05 -5.52 -3.78
C TRP A 114 -50.98 -6.45 -3.06
N THR A 115 -51.52 -7.43 -3.77
CA THR A 115 -52.46 -8.38 -3.20
C THR A 115 -51.87 -9.12 -2.00
N LYS A 116 -50.57 -9.44 -2.07
CA LYS A 116 -49.91 -10.13 -0.99
C LYS A 116 -49.85 -9.25 0.25
N LEU A 117 -49.50 -7.98 0.09
CA LEU A 117 -49.48 -7.07 1.20
C LEU A 117 -50.87 -6.84 1.76
N GLU A 118 -51.87 -6.77 0.89
CA GLU A 118 -53.24 -6.58 1.35
C GLU A 118 -53.64 -7.79 2.16
N GLN A 119 -53.38 -8.97 1.61
CA GLN A 119 -53.74 -10.23 2.27
C GLN A 119 -53.04 -10.44 3.58
N LYS A 120 -51.86 -9.86 3.74
CA LYS A 120 -51.09 -10.02 4.98
C LYS A 120 -51.61 -9.11 6.07
N GLY A 121 -52.45 -8.15 5.69
CA GLY A 121 -53.10 -7.27 6.65
C GLY A 121 -52.49 -5.90 6.69
N ASP A 122 -51.63 -5.61 5.74
CA ASP A 122 -50.77 -4.44 5.86
C ASP A 122 -51.16 -3.27 5.00
N ILE A 123 -52.33 -3.31 4.39
CA ILE A 123 -52.82 -2.19 3.63
C ILE A 123 -54.25 -1.86 3.99
N TYR A 124 -54.49 -0.63 4.40
CA TYR A 124 -55.81 -0.18 4.81
C TYR A 124 -56.15 1.13 4.10
N LEU A 125 -57.43 1.46 4.07
CA LEU A 125 -57.87 2.69 3.46
C LEU A 125 -57.78 3.79 4.49
N GLY A 126 -57.02 4.83 4.18
CA GLY A 126 -56.91 5.99 5.04
C GLY A 126 -56.74 7.26 4.24
N ARG A 127 -56.37 8.34 4.90
CA ARG A 127 -56.05 9.60 4.24
C ARG A 127 -54.58 9.93 4.39
N TYR A 128 -54.02 10.60 3.40
CA TYR A 128 -52.77 11.30 3.59
C TYR A 128 -53.09 12.77 3.49
N GLU A 129 -52.73 13.53 4.51
CA GLU A 129 -52.83 14.99 4.41
C GLU A 129 -51.49 15.59 4.73
N GLY A 130 -50.78 16.07 3.72
CA GLY A 130 -49.43 16.54 3.95
C GLY A 130 -48.73 16.94 2.69
N TRP A 131 -47.43 17.21 2.79
CA TRP A 131 -46.68 17.73 1.68
C TRP A 131 -46.18 16.62 0.76
N TYR A 132 -45.95 16.98 -0.50
CA TYR A 132 -45.50 16.01 -1.47
C TYR A 132 -44.63 16.69 -2.53
N SER A 133 -43.51 16.08 -2.85
CA SER A 133 -42.68 16.59 -3.93
C SER A 133 -42.87 15.77 -5.18
N ILE A 134 -43.57 16.35 -6.16
CA ILE A 134 -43.92 15.63 -7.37
C ILE A 134 -42.68 15.25 -8.16
N SER A 135 -41.66 16.08 -8.07
CA SER A 135 -40.42 15.79 -8.76
C SER A 135 -39.69 14.60 -8.12
N ASP A 136 -39.83 14.44 -6.81
CA ASP A 136 -39.14 13.35 -6.13
C ASP A 136 -40.05 12.20 -5.88
N GLU A 137 -41.32 12.40 -6.26
CA GLU A 137 -42.39 11.47 -5.98
C GLU A 137 -42.32 11.03 -4.53
N SER A 138 -42.15 12.02 -3.66
CA SER A 138 -41.86 11.78 -2.26
C SER A 138 -42.80 12.50 -1.28
N PHE A 139 -43.20 11.80 -0.24
CA PHE A 139 -43.94 12.38 0.87
C PHE A 139 -42.99 12.97 1.88
N LEU A 140 -43.27 14.20 2.28
CA LEU A 140 -42.41 14.92 3.21
C LEU A 140 -43.18 15.43 4.42
N THR A 141 -42.54 15.39 5.57
CA THR A 141 -43.11 15.94 6.79
C THR A 141 -42.83 17.44 6.78
N PRO A 142 -43.53 18.22 7.61
CA PRO A 142 -43.28 19.66 7.56
C PRO A 142 -41.84 20.03 7.94
N GLN A 143 -41.21 19.19 8.75
CA GLN A 143 -39.83 19.38 9.16
C GLN A 143 -38.87 19.29 7.97
N ASN A 144 -39.36 18.84 6.82
CA ASN A 144 -38.53 18.62 5.64
C ASN A 144 -38.80 19.54 4.49
N ILE A 145 -39.49 20.64 4.75
CA ILE A 145 -39.70 21.65 3.71
C ILE A 145 -39.25 22.98 4.24
N THR A 146 -39.22 23.98 3.36
CA THR A 146 -38.78 25.30 3.74
C THR A 146 -39.19 26.26 2.65
N ASP A 147 -38.85 27.52 2.76
CA ASP A 147 -39.36 28.48 1.82
C ASP A 147 -38.55 28.60 0.57
N GLY A 148 -39.16 28.91 -0.55
CA GLY A 148 -38.44 29.00 -1.80
C GLY A 148 -39.17 29.81 -2.85
N VAL A 149 -38.96 29.51 -4.12
CA VAL A 149 -39.67 30.17 -5.21
C VAL A 149 -39.91 29.26 -6.41
N ASP A 150 -41.08 29.38 -7.03
CA ASP A 150 -41.44 28.49 -8.11
C ASP A 150 -40.64 28.76 -9.37
N LYS A 151 -41.26 28.68 -10.52
CA LYS A 151 -40.55 28.92 -11.77
C LYS A 151 -40.55 30.40 -12.08
N ASP A 152 -41.47 31.10 -11.44
CA ASP A 152 -41.43 32.57 -11.36
C ASP A 152 -41.08 32.87 -9.94
N GLY A 153 -40.34 33.94 -9.74
CA GLY A 153 -40.06 34.37 -8.38
C GLY A 153 -41.39 34.63 -7.72
N ASN A 154 -42.00 33.57 -7.23
CA ASN A 154 -43.19 33.73 -6.46
C ASN A 154 -43.02 32.89 -5.25
N PRO A 155 -43.57 33.41 -4.07
CA PRO A 155 -43.14 32.67 -2.88
C PRO A 155 -43.65 31.27 -2.98
N CYS A 156 -43.08 30.36 -2.24
CA CYS A 156 -43.57 29.01 -2.24
C CYS A 156 -42.78 28.18 -1.32
N LYS A 157 -43.14 26.93 -1.23
CA LYS A 157 -42.43 26.01 -0.35
C LYS A 157 -41.66 24.98 -1.17
N VAL A 158 -40.48 24.61 -0.68
CA VAL A 158 -39.68 23.62 -1.37
C VAL A 158 -39.22 22.56 -0.40
N SER A 159 -38.73 21.46 -0.95
CA SER A 159 -38.19 20.38 -0.16
C SER A 159 -36.77 20.69 0.32
N LEU A 160 -36.48 20.37 1.56
CA LEU A 160 -35.12 20.42 2.07
C LEU A 160 -34.25 19.39 1.37
N GLU A 161 -34.79 18.19 1.16
CA GLU A 161 -34.11 17.13 0.43
C GLU A 161 -33.54 17.62 -0.89
N SER A 162 -34.36 18.19 -1.76
CA SER A 162 -33.94 18.44 -3.13
C SER A 162 -34.17 19.83 -3.65
N GLY A 163 -34.93 20.63 -2.92
CA GLY A 163 -35.16 22.00 -3.32
C GLY A 163 -36.20 22.15 -4.40
N HIS A 164 -36.87 21.06 -4.74
CA HIS A 164 -37.97 21.13 -5.69
C HIS A 164 -39.25 21.60 -5.02
N VAL A 165 -40.18 22.12 -5.82
CA VAL A 165 -41.43 22.65 -5.29
C VAL A 165 -42.30 21.54 -4.72
N VAL A 166 -42.86 21.80 -3.54
CA VAL A 166 -43.73 20.85 -2.90
C VAL A 166 -45.17 21.36 -2.87
N THR A 167 -46.11 20.43 -2.86
CA THR A 167 -47.50 20.78 -2.87
C THR A 167 -48.22 20.00 -1.81
N TRP A 168 -49.30 20.57 -1.29
CA TRP A 168 -50.10 19.94 -0.26
C TRP A 168 -51.16 19.03 -0.89
N VAL A 169 -51.30 17.86 -0.29
CA VAL A 169 -52.11 16.79 -0.83
C VAL A 169 -53.06 16.32 0.28
N SER A 170 -54.36 16.29 -0.04
CA SER A 170 -55.32 15.72 0.90
C SER A 170 -56.19 14.75 0.17
N GLU A 171 -55.92 13.46 0.33
CA GLU A 171 -56.54 12.44 -0.48
C GLU A 171 -56.82 11.23 0.35
N GLU A 172 -57.90 10.55 0.01
CA GLU A 172 -58.15 9.23 0.55
C GLU A 172 -57.21 8.28 -0.16
N ASN A 173 -56.33 7.63 0.58
CA ASN A 173 -55.30 6.78 -0.01
C ASN A 173 -55.24 5.46 0.70
N TYR A 174 -54.84 4.43 -0.05
CA TYR A 174 -54.51 3.16 0.58
C TYR A 174 -53.18 3.37 1.29
N MET A 175 -53.12 2.97 2.56
CA MET A 175 -51.97 3.18 3.40
C MET A 175 -51.29 1.87 3.69
N PHE A 176 -49.95 1.83 3.61
CA PHE A 176 -49.17 0.66 4.03
C PHE A 176 -48.69 0.84 5.46
N ARG A 177 -48.79 -0.22 6.26
CA ARG A 177 -48.49 -0.11 7.70
C ARG A 177 -47.01 -0.06 8.04
N LEU A 178 -46.32 0.92 7.51
CA LEU A 178 -44.88 1.04 7.68
C LEU A 178 -44.50 1.11 9.15
N SER A 179 -45.36 1.71 9.96
CA SER A 179 -45.09 1.88 11.36
C SER A 179 -44.90 0.56 12.06
N ALA A 180 -45.54 -0.48 11.55
CA ALA A 180 -45.49 -1.78 12.18
C ALA A 180 -44.17 -2.50 11.91
N PHE A 181 -43.30 -1.92 11.12
CA PHE A 181 -42.10 -2.64 10.72
C PHE A 181 -40.84 -2.03 11.29
N ARG A 182 -40.99 -0.97 12.07
CA ARG A 182 -39.88 -0.24 12.61
C ARG A 182 -38.91 -1.07 13.43
N GLU A 183 -39.41 -1.89 14.32
CA GLU A 183 -38.56 -2.71 15.14
C GLU A 183 -37.89 -3.80 14.32
N ARG A 184 -38.64 -4.41 13.42
CA ARG A 184 -38.08 -5.44 12.54
C ARG A 184 -36.99 -4.92 11.58
N LEU A 185 -37.09 -3.66 11.20
CA LEU A 185 -36.08 -3.06 10.35
C LEU A 185 -34.83 -2.77 11.18
N LEU A 186 -35.02 -2.25 12.39
CA LEU A 186 -33.89 -1.99 13.27
C LEU A 186 -33.15 -3.31 13.55
N GLU A 187 -33.89 -4.39 13.76
CA GLU A 187 -33.25 -5.69 13.96
C GLU A 187 -32.44 -6.04 12.73
N TRP A 188 -32.96 -5.73 11.56
CA TRP A 188 -32.28 -6.05 10.32
C TRP A 188 -30.96 -5.25 10.19
N TYR A 189 -31.02 -3.94 10.38
CA TYR A 189 -29.83 -3.09 10.30
C TYR A 189 -28.68 -3.54 11.19
N HIS A 190 -29.02 -4.10 12.33
CA HIS A 190 -28.04 -4.38 13.36
C HIS A 190 -27.51 -5.77 13.21
N ALA A 191 -28.36 -6.68 12.77
CA ALA A 191 -27.95 -8.04 12.55
C ALA A 191 -27.10 -8.15 11.32
N ASN A 192 -27.17 -7.15 10.45
CA ASN A 192 -26.39 -7.14 9.22
C ASN A 192 -25.70 -5.82 8.98
N PRO A 193 -24.61 -5.56 9.70
CA PRO A 193 -24.00 -4.22 9.67
C PRO A 193 -23.28 -3.89 8.37
N GLY A 194 -23.29 -4.80 7.41
CA GLY A 194 -22.78 -4.47 6.11
C GLY A 194 -23.84 -4.10 5.08
N CYS A 195 -25.13 -4.20 5.44
CA CYS A 195 -26.20 -4.12 4.48
C CYS A 195 -26.37 -2.79 3.80
N ILE A 196 -25.92 -1.70 4.43
CA ILE A 196 -26.00 -0.39 3.79
C ILE A 196 -24.62 0.21 3.75
N VAL A 197 -24.16 0.61 2.56
CA VAL A 197 -22.83 1.17 2.36
C VAL A 197 -22.94 2.54 1.72
N PRO A 198 -22.14 3.52 2.15
CA PRO A 198 -21.09 3.59 3.16
C PRO A 198 -21.66 3.70 4.54
N GLU A 199 -20.81 3.51 5.55
CA GLU A 199 -21.26 3.33 6.91
C GLU A 199 -22.02 4.53 7.44
N PHE A 200 -21.69 5.73 6.99
CA PHE A 200 -22.39 6.88 7.53
C PHE A 200 -23.82 6.99 7.03
N ARG A 201 -24.11 6.39 5.88
CA ARG A 201 -25.48 6.35 5.38
C ARG A 201 -26.22 5.24 6.05
N ARG A 202 -25.53 4.19 6.43
CA ARG A 202 -26.14 3.17 7.27
C ARG A 202 -26.52 3.78 8.61
N ARG A 203 -25.72 4.72 9.10
CA ARG A 203 -26.04 5.34 10.36
C ARG A 203 -27.21 6.28 10.22
N GLU A 204 -27.30 6.97 9.08
CA GLU A 204 -28.42 7.88 8.85
C GLU A 204 -29.78 7.19 8.85
N VAL A 205 -29.88 6.07 8.15
CA VAL A 205 -31.10 5.33 8.05
C VAL A 205 -31.55 4.84 9.43
N ILE A 206 -30.64 4.26 10.19
CA ILE A 206 -30.95 3.81 11.55
C ILE A 206 -31.48 4.93 12.42
N ARG A 207 -30.81 6.07 12.41
CA ARG A 207 -31.24 7.24 13.17
C ARG A 207 -32.68 7.56 12.85
N ALA A 208 -33.01 7.55 11.56
CA ALA A 208 -34.32 7.93 11.09
C ALA A 208 -35.36 6.92 11.50
N VAL A 209 -35.07 5.65 11.33
CA VAL A 209 -36.04 4.64 11.68
C VAL A 209 -36.25 4.65 13.17
N GLU A 210 -35.22 5.01 13.91
CA GLU A 210 -35.31 5.00 15.36
C GLU A 210 -36.24 6.08 15.88
N LYS A 211 -36.25 7.24 15.26
CA LYS A 211 -37.18 8.32 15.62
C LYS A 211 -38.65 7.88 15.50
N GLY A 212 -38.90 6.88 14.66
CA GLY A 212 -40.23 6.34 14.47
C GLY A 212 -40.63 6.43 13.01
N LEU A 213 -41.63 5.64 12.60
CA LEU A 213 -42.08 5.61 11.20
C LEU A 213 -43.59 5.78 11.08
N PRO A 214 -44.03 6.71 10.24
CA PRO A 214 -45.43 6.89 9.84
C PRO A 214 -45.88 5.86 8.78
N ASP A 215 -47.17 5.65 8.62
CA ASP A 215 -47.63 4.74 7.59
C ASP A 215 -47.50 5.42 6.26
N LEU A 216 -47.35 4.62 5.22
CA LEU A 216 -46.98 5.14 3.93
C LEU A 216 -48.13 5.00 2.97
N SER A 217 -48.44 6.10 2.29
CA SER A 217 -49.46 6.07 1.25
C SER A 217 -48.96 5.29 0.05
N VAL A 218 -49.68 4.26 -0.37
CA VAL A 218 -49.23 3.47 -1.52
C VAL A 218 -50.20 3.49 -2.68
N SER A 219 -51.27 4.27 -2.56
CA SER A 219 -52.16 4.50 -3.69
C SER A 219 -52.40 5.97 -3.82
N ARG A 220 -52.88 6.39 -4.98
CA ARG A 220 -53.31 7.77 -5.17
C ARG A 220 -54.62 7.79 -5.92
N ALA A 221 -55.31 8.92 -5.93
CA ALA A 221 -56.55 9.08 -6.69
C ALA A 221 -56.18 9.12 -8.14
N ARG A 222 -56.96 8.45 -9.00
CA ARG A 222 -56.54 8.21 -10.38
C ARG A 222 -56.45 9.50 -11.19
N ALA A 223 -57.21 10.51 -10.80
CA ALA A 223 -57.18 11.75 -11.53
C ALA A 223 -55.82 12.44 -11.38
N THR A 224 -55.32 12.45 -10.15
CA THR A 224 -54.09 13.11 -9.83
C THR A 224 -52.88 12.66 -10.64
N LEU A 225 -52.87 11.39 -11.05
CA LEU A 225 -51.76 10.86 -11.82
C LEU A 225 -52.02 10.93 -13.32
N HIS A 226 -53.10 11.58 -13.71
CA HIS A 226 -53.51 11.63 -15.11
C HIS A 226 -53.62 10.22 -15.67
N ASN A 227 -54.08 9.32 -14.80
CA ASN A 227 -54.38 7.94 -15.19
C ASN A 227 -53.21 7.21 -15.85
N TRP A 228 -52.01 7.66 -15.52
CA TRP A 228 -50.81 7.07 -16.05
C TRP A 228 -50.12 6.30 -14.92
N ALA A 229 -50.57 5.06 -14.71
CA ALA A 229 -50.25 4.30 -13.53
C ALA A 229 -50.94 2.93 -13.54
N ILE A 230 -50.57 2.07 -12.59
CA ILE A 230 -51.12 0.74 -12.48
C ILE A 230 -52.30 0.74 -11.48
N PRO A 231 -53.47 0.27 -11.89
CA PRO A 231 -54.63 0.40 -11.01
C PRO A 231 -54.50 -0.48 -9.79
N VAL A 232 -54.99 -0.03 -8.64
CA VAL A 232 -55.02 -0.88 -7.47
C VAL A 232 -55.93 -2.06 -7.77
N PRO A 233 -55.44 -3.28 -7.50
CA PRO A 233 -56.28 -4.46 -7.69
C PRO A 233 -57.57 -4.39 -6.93
N GLY A 234 -58.68 -4.31 -7.65
CA GLY A 234 -60.00 -4.34 -7.06
C GLY A 234 -60.47 -2.99 -6.60
N ASN A 235 -59.77 -1.94 -6.99
CA ASN A 235 -60.23 -0.58 -6.76
C ASN A 235 -59.71 0.32 -7.85
N PRO A 236 -60.41 0.35 -8.99
CA PRO A 236 -59.99 1.11 -10.15
C PRO A 236 -60.03 2.61 -9.96
N ASP A 237 -60.52 3.08 -8.82
CA ASP A 237 -60.49 4.52 -8.55
C ASP A 237 -59.08 4.98 -8.20
N HIS A 238 -58.27 4.03 -7.77
CA HIS A 238 -56.95 4.30 -7.27
C HIS A 238 -55.88 3.75 -8.17
N CYS A 239 -54.70 4.35 -8.09
CA CYS A 239 -53.56 3.87 -8.82
C CYS A 239 -52.44 3.59 -7.82
N VAL A 240 -51.66 2.54 -8.07
CA VAL A 240 -50.55 2.15 -7.20
C VAL A 240 -49.44 3.21 -7.19
N TYR A 241 -49.07 3.69 -6.01
CA TYR A 241 -47.99 4.66 -5.82
C TYR A 241 -46.83 4.35 -6.73
N VAL A 242 -46.29 5.35 -7.40
CA VAL A 242 -45.24 5.09 -8.35
C VAL A 242 -44.04 4.38 -7.71
N TRP A 243 -43.77 4.61 -6.43
CA TRP A 243 -42.56 4.03 -5.83
C TRP A 243 -42.69 2.58 -5.48
N LEU A 244 -43.87 2.16 -5.03
CA LEU A 244 -44.14 0.75 -4.84
C LEU A 244 -44.07 0.03 -6.18
N ASP A 245 -44.72 0.60 -7.18
CA ASP A 245 -44.56 0.16 -8.56
C ASP A 245 -43.08 0.08 -8.90
N ALA A 246 -42.35 1.17 -8.73
CA ALA A 246 -40.96 1.26 -9.15
C ALA A 246 -40.07 0.25 -8.43
N LEU A 247 -40.12 0.18 -7.11
CA LEU A 247 -39.32 -0.80 -6.39
C LEU A 247 -39.50 -2.25 -6.91
N THR A 248 -40.71 -2.60 -7.31
CA THR A 248 -41.01 -3.97 -7.69
C THR A 248 -40.23 -4.40 -8.92
N ASN A 249 -39.81 -3.44 -9.71
CA ASN A 249 -38.77 -3.63 -10.75
C ASN A 249 -37.78 -4.73 -10.43
N TYR A 250 -37.18 -4.68 -9.24
CA TYR A 250 -36.16 -5.66 -8.88
C TYR A 250 -36.72 -7.07 -8.84
N LEU A 251 -37.88 -7.22 -8.24
CA LEU A 251 -38.55 -8.51 -8.13
C LEU A 251 -39.00 -9.07 -9.47
N THR A 252 -39.51 -8.18 -10.31
CA THR A 252 -39.87 -8.53 -11.66
C THR A 252 -38.68 -9.07 -12.43
N GLY A 253 -37.62 -8.27 -12.51
CA GLY A 253 -36.44 -8.65 -13.28
C GLY A 253 -35.82 -9.94 -12.78
N SER A 254 -36.12 -10.34 -11.56
CA SER A 254 -35.57 -11.57 -11.07
C SER A 254 -36.35 -12.78 -11.57
N ARG A 255 -37.49 -12.51 -12.21
CA ARG A 255 -38.42 -13.56 -12.63
C ARG A 255 -38.61 -13.56 -14.14
N LEU A 256 -37.73 -12.88 -14.87
CA LEU A 256 -37.84 -12.81 -16.30
C LEU A 256 -36.80 -13.70 -16.94
N ARG A 257 -37.24 -14.61 -17.81
CA ARG A 257 -36.34 -15.33 -18.69
C ARG A 257 -36.09 -14.44 -19.89
N VAL A 258 -34.83 -14.28 -20.26
CA VAL A 258 -34.49 -13.32 -21.31
C VAL A 258 -33.86 -13.91 -22.57
N ASP A 259 -34.33 -13.41 -23.70
CA ASP A 259 -33.85 -13.73 -25.03
C ASP A 259 -32.36 -13.72 -25.10
N GLU A 260 -31.86 -14.10 -26.26
CA GLU A 260 -30.46 -13.93 -26.55
C GLU A 260 -30.25 -12.54 -27.15
N SER A 261 -31.30 -11.74 -27.17
CA SER A 261 -31.20 -10.40 -27.68
C SER A 261 -31.83 -9.43 -26.69
N GLY A 262 -32.00 -9.91 -25.47
CA GLY A 262 -32.36 -9.05 -24.38
C GLY A 262 -33.82 -8.71 -24.36
N LYS A 263 -34.63 -9.58 -24.93
CA LYS A 263 -36.05 -9.37 -24.90
C LYS A 263 -36.69 -10.33 -23.94
N GLU A 264 -37.56 -9.83 -23.10
CA GLU A 264 -38.22 -10.67 -22.13
C GLU A 264 -39.08 -11.62 -22.89
N VAL A 265 -39.08 -12.85 -22.48
CA VAL A 265 -39.90 -13.81 -23.18
C VAL A 265 -40.78 -14.64 -22.26
N SER A 266 -40.64 -14.45 -20.96
CA SER A 266 -41.37 -15.29 -20.02
C SER A 266 -41.26 -14.75 -18.59
N LEU A 267 -42.34 -14.83 -17.84
CA LEU A 267 -42.35 -14.46 -16.44
C LEU A 267 -42.61 -15.70 -15.61
N VAL A 268 -41.68 -16.07 -14.75
CA VAL A 268 -41.81 -17.30 -13.97
C VAL A 268 -42.63 -17.06 -12.71
N ASP A 269 -43.28 -18.10 -12.21
CA ASP A 269 -44.19 -17.96 -11.09
C ASP A 269 -43.51 -17.58 -9.80
N ASP A 270 -42.30 -18.10 -9.62
CA ASP A 270 -41.64 -18.14 -8.33
C ASP A 270 -40.22 -17.66 -8.58
N PHE A 271 -39.74 -16.75 -7.74
CA PHE A 271 -38.42 -16.17 -7.95
C PHE A 271 -37.30 -17.18 -7.82
N ASN A 272 -37.51 -18.22 -7.01
CA ASN A 272 -36.49 -19.25 -6.80
C ASN A 272 -36.12 -19.93 -8.09
N GLU A 273 -37.01 -19.89 -9.06
CA GLU A 273 -36.81 -20.63 -10.27
C GLU A 273 -35.59 -20.12 -11.07
N LEU A 274 -35.29 -18.83 -11.00
CA LEU A 274 -34.16 -18.30 -11.74
C LEU A 274 -32.96 -18.00 -10.82
N GLU A 275 -33.17 -18.22 -9.52
CA GLU A 275 -32.16 -18.08 -8.49
C GLU A 275 -31.48 -16.71 -8.41
N ARG A 276 -32.20 -15.63 -8.74
CA ARG A 276 -31.64 -14.30 -8.69
C ARG A 276 -32.03 -13.51 -7.44
N PHE A 277 -33.28 -13.65 -7.00
CA PHE A 277 -33.77 -12.83 -5.90
C PHE A 277 -33.27 -13.37 -4.56
N PRO A 278 -32.99 -12.51 -3.60
CA PRO A 278 -32.98 -11.06 -3.60
C PRO A 278 -31.67 -10.51 -4.07
N ALA A 279 -31.63 -9.25 -4.46
CA ALA A 279 -30.41 -8.71 -5.05
C ALA A 279 -29.32 -8.76 -4.05
N ASP A 280 -28.12 -9.02 -4.55
CA ASP A 280 -26.97 -9.08 -3.70
C ASP A 280 -26.43 -7.69 -3.49
N VAL A 281 -26.66 -6.82 -4.47
CA VAL A 281 -26.32 -5.39 -4.37
C VAL A 281 -27.29 -4.47 -5.12
N HIS A 282 -27.94 -3.55 -4.41
CA HIS A 282 -28.68 -2.49 -5.06
C HIS A 282 -27.76 -1.29 -5.16
N VAL A 283 -27.41 -0.86 -6.37
CA VAL A 283 -26.72 0.41 -6.55
C VAL A 283 -27.75 1.53 -6.66
N ILE A 284 -27.58 2.58 -5.84
CA ILE A 284 -28.47 3.74 -5.86
C ILE A 284 -27.69 5.00 -5.52
N GLY A 285 -28.26 6.16 -5.84
CA GLY A 285 -27.70 7.41 -5.41
C GLY A 285 -28.24 7.79 -4.04
N LYS A 286 -27.62 8.76 -3.39
CA LYS A 286 -27.97 9.13 -2.03
C LYS A 286 -29.38 9.65 -1.92
N ASP A 287 -29.92 10.12 -3.04
CA ASP A 287 -31.22 10.76 -3.00
C ASP A 287 -32.41 9.80 -2.90
N ILE A 288 -32.19 8.52 -3.05
CA ILE A 288 -33.28 7.58 -3.00
C ILE A 288 -33.03 6.52 -1.96
N LEU A 289 -32.35 6.90 -0.90
CA LEU A 289 -32.00 5.96 0.16
C LEU A 289 -33.20 5.48 0.96
N LYS A 290 -34.13 6.38 1.30
CA LYS A 290 -35.22 5.95 2.15
C LYS A 290 -36.06 4.89 1.47
N PHE A 291 -36.22 4.99 0.16
CA PHE A 291 -37.10 4.09 -0.57
C PHE A 291 -36.55 2.65 -0.60
N HIS A 292 -35.22 2.54 -0.69
CA HIS A 292 -34.53 1.25 -0.74
C HIS A 292 -34.16 0.66 0.62
N ALA A 293 -33.95 1.50 1.61
CA ALA A 293 -33.46 1.04 2.91
C ALA A 293 -34.55 0.98 3.96
N ILE A 294 -35.68 1.65 3.72
CA ILE A 294 -36.78 1.60 4.65
C ILE A 294 -38.02 0.96 4.01
N TYR A 295 -38.57 1.60 2.98
CA TYR A 295 -39.81 1.11 2.34
C TYR A 295 -39.68 -0.30 1.78
N TRP A 296 -38.73 -0.44 0.87
CA TRP A 296 -38.45 -1.72 0.20
C TRP A 296 -38.31 -2.91 1.16
N PRO A 297 -37.45 -2.83 2.19
CA PRO A 297 -37.45 -4.03 3.05
C PRO A 297 -38.71 -4.22 3.84
N ALA A 298 -39.48 -3.16 4.06
CA ALA A 298 -40.72 -3.31 4.77
C ALA A 298 -41.78 -4.00 3.92
N PHE A 299 -41.83 -3.66 2.62
CA PHE A 299 -42.71 -4.37 1.70
C PHE A 299 -42.32 -5.86 1.67
N LEU A 300 -41.03 -6.12 1.54
CA LEU A 300 -40.50 -7.48 1.49
C LEU A 300 -40.72 -8.28 2.79
N LEU A 301 -40.63 -7.62 3.93
CA LEU A 301 -40.90 -8.30 5.19
C LEU A 301 -42.38 -8.60 5.31
N SER A 302 -43.21 -7.76 4.73
CA SER A 302 -44.63 -7.95 4.79
C SER A 302 -45.02 -9.09 3.86
N ALA A 303 -44.38 -9.14 2.71
CA ALA A 303 -44.80 -10.07 1.69
C ALA A 303 -44.26 -11.47 1.94
N GLY A 304 -43.38 -11.60 2.91
CA GLY A 304 -42.71 -12.84 3.17
C GLY A 304 -41.58 -13.11 2.21
N LEU A 305 -41.01 -12.06 1.64
CA LEU A 305 -39.91 -12.20 0.67
C LEU A 305 -38.55 -11.99 1.35
N PRO A 306 -37.46 -12.39 0.69
CA PRO A 306 -36.11 -12.19 1.26
C PRO A 306 -35.55 -10.82 1.02
N LEU A 307 -34.80 -10.28 1.97
CA LEU A 307 -34.32 -8.89 1.84
C LEU A 307 -33.01 -8.88 1.08
N PRO A 308 -32.70 -7.76 0.41
CA PRO A 308 -31.39 -7.67 -0.25
C PRO A 308 -30.23 -7.78 0.74
N LYS A 309 -29.05 -8.06 0.21
CA LYS A 309 -27.87 -8.25 1.04
C LYS A 309 -27.13 -6.94 1.24
N LYS A 310 -27.03 -6.14 0.19
CA LYS A 310 -26.37 -4.86 0.27
C LYS A 310 -27.11 -3.81 -0.56
N ILE A 311 -27.26 -2.63 0.03
CA ILE A 311 -27.59 -1.42 -0.68
C ILE A 311 -26.36 -0.53 -0.63
N VAL A 312 -25.86 -0.08 -1.78
CA VAL A 312 -24.75 0.87 -1.75
C VAL A 312 -25.17 2.18 -2.37
N ALA A 313 -25.13 3.25 -1.58
CA ALA A 313 -25.56 4.56 -2.02
C ALA A 313 -24.37 5.49 -2.28
N HIS A 314 -24.13 5.79 -3.55
CA HIS A 314 -23.01 6.61 -3.93
C HIS A 314 -23.33 8.08 -3.75
N GLY A 315 -22.37 8.93 -4.11
CA GLY A 315 -22.47 10.35 -3.78
C GLY A 315 -23.12 11.28 -4.79
N TRP A 316 -23.48 10.76 -5.93
CA TRP A 316 -24.13 11.59 -6.93
C TRP A 316 -25.63 11.73 -6.66
N TRP A 317 -26.26 12.67 -7.33
CA TRP A 317 -27.67 12.89 -7.20
C TRP A 317 -28.54 12.18 -8.25
N THR A 318 -28.41 10.86 -8.36
CA THR A 318 -29.23 9.98 -9.23
C THR A 318 -29.96 10.68 -10.38
N LYS A 319 -30.80 11.66 -10.07
CA LYS A 319 -31.65 12.25 -11.10
C LYS A 319 -31.47 13.72 -11.33
N ASP A 320 -30.74 14.40 -10.46
CA ASP A 320 -30.52 15.81 -10.64
C ASP A 320 -31.81 16.54 -10.37
N VAL A 331 -20.32 20.83 -17.13
CA VAL A 331 -21.51 20.46 -17.95
C VAL A 331 -21.09 19.44 -19.00
N PHE A 332 -21.66 18.24 -18.88
CA PHE A 332 -20.94 17.03 -19.15
C PHE A 332 -21.79 16.00 -19.86
N ASP A 333 -21.58 15.83 -21.15
CA ASP A 333 -22.24 14.74 -21.84
C ASP A 333 -21.33 13.53 -21.82
N PRO A 334 -21.86 12.39 -21.34
CA PRO A 334 -21.06 11.19 -21.20
C PRO A 334 -20.51 10.71 -22.55
N VAL A 335 -21.35 10.63 -23.57
CA VAL A 335 -20.92 10.06 -24.85
C VAL A 335 -19.93 10.95 -25.59
N GLU A 336 -20.10 12.25 -25.52
CA GLU A 336 -19.18 13.16 -26.18
C GLU A 336 -17.83 13.20 -25.46
N LYS A 337 -17.86 13.14 -24.13
CA LYS A 337 -16.62 13.07 -23.38
C LYS A 337 -15.89 11.77 -23.68
N ALA A 338 -16.64 10.70 -23.90
CA ALA A 338 -16.03 9.41 -24.20
C ALA A 338 -15.50 9.39 -25.61
N GLU A 339 -16.09 10.17 -26.49
CA GLU A 339 -15.58 10.24 -27.85
C GLU A 339 -14.26 11.00 -27.85
N GLU A 340 -14.20 12.08 -27.09
CA GLU A 340 -12.99 12.87 -26.99
C GLU A 340 -11.86 12.13 -26.27
N PHE A 341 -12.13 11.66 -25.05
CA PHE A 341 -11.07 11.13 -24.18
C PHE A 341 -10.95 9.62 -24.16
N GLY A 342 -11.96 8.90 -24.61
CA GLY A 342 -11.93 7.44 -24.62
C GLY A 342 -12.96 6.84 -23.68
N TYR A 343 -13.47 5.68 -24.04
CA TYR A 343 -14.56 5.09 -23.26
C TYR A 343 -14.08 4.53 -21.95
N ASP A 344 -13.19 3.55 -22.02
CA ASP A 344 -12.59 2.99 -20.81
C ASP A 344 -11.95 4.06 -19.94
N ALA A 345 -11.35 5.06 -20.57
CA ALA A 345 -10.68 6.09 -19.83
C ALA A 345 -11.68 6.95 -19.07
N LEU A 346 -12.81 7.23 -19.71
CA LEU A 346 -13.82 8.06 -19.07
C LEU A 346 -14.41 7.30 -17.91
N LYS A 347 -14.73 6.04 -18.14
CA LYS A 347 -15.24 5.18 -17.09
C LYS A 347 -14.26 5.08 -15.94
N TYR A 348 -13.00 4.87 -16.27
CA TYR A 348 -11.96 4.85 -15.27
C TYR A 348 -11.96 6.12 -14.47
N PHE A 349 -11.98 7.27 -15.15
CA PHE A 349 -11.90 8.54 -14.44
C PHE A 349 -13.05 8.74 -13.46
N LEU A 350 -14.26 8.44 -13.90
CA LEU A 350 -15.43 8.61 -13.06
C LEU A 350 -15.32 7.74 -11.83
N LEU A 351 -14.80 6.54 -12.01
CA LEU A 351 -14.73 5.60 -10.90
C LEU A 351 -13.60 5.95 -9.93
N ARG A 352 -12.48 6.44 -10.46
CA ARG A 352 -11.33 6.79 -9.65
C ARG A 352 -11.50 8.10 -8.90
N GLU A 353 -12.19 9.05 -9.48
CA GLU A 353 -12.24 10.37 -8.90
C GLU A 353 -13.20 10.49 -7.71
N SER A 354 -14.32 9.79 -7.75
CA SER A 354 -15.38 10.00 -6.75
C SER A 354 -15.44 8.92 -5.69
N GLY A 355 -15.67 9.32 -4.47
CA GLY A 355 -15.90 8.36 -3.41
C GLY A 355 -17.35 8.48 -3.06
N PHE A 356 -17.72 8.17 -1.85
CA PHE A 356 -19.08 8.38 -1.52
C PHE A 356 -19.14 9.79 -1.01
N SER A 357 -18.96 10.76 -1.90
CA SER A 357 -18.91 12.14 -1.49
C SER A 357 -18.96 13.16 -2.59
N ASP A 358 -19.23 12.74 -3.81
CA ASP A 358 -19.54 13.67 -4.91
C ASP A 358 -18.77 14.98 -4.94
N ASP A 359 -17.59 15.00 -4.33
CA ASP A 359 -16.75 16.20 -4.31
C ASP A 359 -15.57 15.92 -5.21
N GLY A 360 -15.88 15.55 -6.44
CA GLY A 360 -14.84 15.24 -7.38
C GLY A 360 -14.57 16.40 -8.31
N ASP A 361 -13.28 16.59 -8.57
CA ASP A 361 -12.81 17.56 -9.53
C ASP A 361 -13.06 16.94 -10.92
N TYR A 362 -14.11 17.36 -11.59
CA TYR A 362 -14.47 16.77 -12.88
C TYR A 362 -14.08 17.65 -14.04
N SER A 363 -13.07 18.47 -13.84
CA SER A 363 -12.59 19.39 -14.86
C SER A 363 -11.89 18.64 -15.98
N ASP A 364 -11.76 19.28 -17.12
CA ASP A 364 -11.01 18.69 -18.22
C ASP A 364 -9.54 18.58 -17.79
N LYS A 365 -9.12 19.47 -16.90
CA LYS A 365 -7.75 19.49 -16.45
C LYS A 365 -7.42 18.24 -15.64
N ASN A 366 -8.33 17.85 -14.75
CA ASN A 366 -8.06 16.73 -13.90
C ASN A 366 -8.23 15.39 -14.64
N MET A 367 -9.14 15.38 -15.61
CA MET A 367 -9.28 14.22 -16.46
C MET A 367 -8.00 13.94 -17.21
N ILE A 368 -7.36 14.98 -17.72
CA ILE A 368 -6.14 14.82 -18.50
C ILE A 368 -5.01 14.42 -17.59
N ALA A 369 -5.02 14.94 -16.38
CA ALA A 369 -4.00 14.59 -15.42
C ALA A 369 -4.03 13.12 -15.10
N ARG A 370 -5.22 12.59 -14.84
CA ARG A 370 -5.37 11.16 -14.55
C ARG A 370 -5.11 10.30 -15.76
N LEU A 371 -5.50 10.77 -16.92
CA LEU A 371 -5.27 10.02 -18.14
C LEU A 371 -3.77 9.88 -18.38
N ASN A 372 -3.07 11.02 -18.38
CA ASN A 372 -1.64 11.04 -18.58
C ASN A 372 -0.91 10.40 -17.42
N GLY A 373 -1.22 10.85 -16.23
CA GLY A 373 -0.55 10.40 -15.05
C GLY A 373 -0.63 8.92 -14.84
N GLU A 374 -1.84 8.40 -14.80
CA GLU A 374 -2.04 7.03 -14.36
C GLU A 374 -2.18 6.06 -15.52
N LEU A 375 -3.06 6.35 -16.46
CA LEU A 375 -3.33 5.43 -17.57
C LEU A 375 -2.19 5.35 -18.57
N ALA A 376 -1.66 6.49 -18.97
CA ALA A 376 -0.56 6.49 -19.92
C ALA A 376 0.80 6.26 -19.23
N ASP A 377 1.11 7.01 -18.19
CA ASP A 377 2.43 6.92 -17.57
C ASP A 377 2.61 5.72 -16.67
N THR A 378 1.67 5.44 -15.78
CA THR A 378 1.86 4.30 -14.91
C THR A 378 1.59 2.97 -15.63
N LEU A 379 0.40 2.82 -16.22
CA LEU A 379 0.00 1.54 -16.80
C LEU A 379 0.43 1.37 -18.27
N GLY A 380 0.11 2.37 -19.09
CA GLY A 380 0.48 2.35 -20.48
C GLY A 380 1.97 2.16 -20.72
N ASN A 381 2.77 2.99 -20.09
CA ASN A 381 4.22 2.90 -20.21
C ASN A 381 4.73 1.51 -19.78
N LEU A 382 4.15 1.00 -18.72
CA LEU A 382 4.59 -0.28 -18.18
C LEU A 382 4.29 -1.43 -19.10
N VAL A 383 3.19 -1.35 -19.84
CA VAL A 383 2.84 -2.42 -20.75
C VAL A 383 3.78 -2.42 -21.92
N MET A 384 4.09 -1.23 -22.40
CA MET A 384 4.96 -1.08 -23.56
C MET A 384 6.38 -1.53 -23.25
N ARG A 385 6.85 -1.27 -22.04
CA ARG A 385 8.22 -1.66 -21.64
C ARG A 385 8.40 -3.16 -21.73
N CYS A 386 7.54 -3.93 -21.08
CA CYS A 386 7.74 -5.37 -21.00
C CYS A 386 7.43 -6.10 -22.30
N THR A 387 6.86 -5.40 -23.26
CA THR A 387 6.55 -6.00 -24.55
C THR A 387 7.48 -5.54 -25.66
N SER A 388 8.19 -4.43 -25.42
CA SER A 388 8.99 -3.83 -26.48
C SER A 388 10.05 -4.81 -26.98
N ALA A 389 10.47 -4.62 -28.22
CA ALA A 389 11.48 -5.52 -28.80
C ALA A 389 12.84 -5.19 -28.24
N LYS A 390 13.00 -3.96 -27.74
CA LYS A 390 14.24 -3.55 -27.07
C LYS A 390 14.52 -4.46 -25.85
N ILE A 391 13.59 -4.51 -24.91
CA ILE A 391 13.80 -5.30 -23.69
C ILE A 391 13.48 -6.78 -23.89
N ASN A 392 12.26 -7.05 -24.36
CA ASN A 392 11.81 -8.43 -24.53
C ASN A 392 12.17 -8.89 -25.93
N VAL A 393 13.42 -9.28 -26.14
CA VAL A 393 13.93 -9.48 -27.49
C VAL A 393 13.37 -10.73 -28.15
N ASN A 394 12.99 -11.72 -27.36
CA ASN A 394 12.42 -12.94 -27.93
C ASN A 394 10.91 -12.89 -28.02
N GLY A 395 10.30 -11.79 -27.62
CA GLY A 395 8.85 -11.65 -27.62
C GLY A 395 8.15 -12.83 -26.99
N GLU A 396 8.49 -13.14 -25.75
CA GLU A 396 7.88 -14.25 -25.05
C GLU A 396 7.96 -14.03 -23.55
N TRP A 397 7.37 -14.95 -22.79
CA TRP A 397 7.50 -14.95 -21.35
C TRP A 397 8.72 -15.80 -21.02
N PRO A 398 9.75 -15.17 -20.43
CA PRO A 398 10.99 -15.81 -20.05
C PRO A 398 10.78 -16.76 -18.90
N SER A 399 11.68 -17.73 -18.72
CA SER A 399 11.74 -18.47 -17.47
C SER A 399 12.52 -17.62 -16.48
N PRO A 400 11.98 -17.42 -15.29
CA PRO A 400 12.76 -16.70 -14.27
C PRO A 400 13.88 -17.55 -13.66
N ALA A 401 14.98 -16.89 -13.31
CA ALA A 401 16.04 -17.50 -12.54
C ALA A 401 15.69 -17.42 -11.07
N ALA A 402 16.70 -17.29 -10.22
CA ALA A 402 16.44 -17.17 -8.79
C ALA A 402 16.06 -15.75 -8.42
N TYR A 403 15.08 -15.66 -7.52
CA TYR A 403 14.60 -14.38 -7.06
C TYR A 403 15.48 -13.79 -5.94
N THR A 404 15.72 -12.49 -6.04
CA THR A 404 16.35 -11.73 -4.99
C THR A 404 15.30 -11.20 -4.03
N GLU A 405 15.73 -10.65 -2.89
CA GLU A 405 14.78 -10.14 -1.90
C GLU A 405 13.91 -9.01 -2.39
N GLU A 406 14.45 -8.19 -3.28
CA GLU A 406 13.66 -7.14 -3.91
C GLU A 406 12.63 -7.77 -4.86
N ASP A 407 13.07 -8.74 -5.65
CA ASP A 407 12.17 -9.55 -6.44
C ASP A 407 11.04 -10.07 -5.56
N GLU A 408 11.38 -10.83 -4.53
CA GLU A 408 10.36 -11.42 -3.69
C GLU A 408 9.40 -10.38 -3.11
N SER A 409 9.84 -9.15 -2.90
CA SER A 409 9.01 -8.19 -2.21
C SER A 409 7.97 -7.68 -3.14
N LEU A 410 8.32 -7.59 -4.42
CA LEU A 410 7.37 -7.16 -5.43
C LEU A 410 6.36 -8.28 -5.71
N ILE A 411 6.86 -9.51 -5.75
CA ILE A 411 6.03 -10.67 -5.93
C ILE A 411 5.02 -10.80 -4.80
N GLN A 412 5.44 -10.50 -3.60
CA GLN A 412 4.55 -10.58 -2.47
C GLN A 412 3.40 -9.65 -2.72
N LEU A 413 3.70 -8.45 -3.20
CA LEU A 413 2.69 -7.43 -3.41
C LEU A 413 1.66 -7.88 -4.43
N ILE A 414 2.17 -8.51 -5.48
CA ILE A 414 1.35 -9.03 -6.54
C ILE A 414 0.51 -10.19 -6.05
N LYS A 415 1.09 -11.07 -5.24
CA LYS A 415 0.30 -12.17 -4.70
C LYS A 415 -0.77 -11.67 -3.75
N ASP A 416 -0.53 -10.57 -3.07
CA ASP A 416 -1.51 -10.13 -2.10
C ASP A 416 -2.63 -9.32 -2.75
N LEU A 417 -2.34 -8.71 -3.89
CA LEU A 417 -3.27 -7.82 -4.56
C LEU A 417 -4.68 -8.38 -4.76
N PRO A 418 -4.81 -9.61 -5.32
CA PRO A 418 -6.16 -10.08 -5.59
C PRO A 418 -7.08 -10.15 -4.39
N GLY A 419 -6.57 -10.63 -3.26
CA GLY A 419 -7.40 -10.75 -2.07
C GLY A 419 -7.79 -9.40 -1.56
N THR A 420 -6.94 -8.41 -1.78
CA THR A 420 -7.20 -7.08 -1.30
C THR A 420 -8.21 -6.39 -2.18
N ALA A 421 -7.98 -6.42 -3.48
CA ALA A 421 -8.94 -5.88 -4.44
C ALA A 421 -10.29 -6.55 -4.30
N ASP A 422 -10.28 -7.87 -4.16
CA ASP A 422 -11.50 -8.61 -3.94
C ASP A 422 -12.33 -8.02 -2.80
N HIS A 423 -11.70 -7.73 -1.67
CA HIS A 423 -12.51 -7.27 -0.54
C HIS A 423 -13.09 -5.92 -0.86
N TYR A 424 -12.34 -5.07 -1.55
CA TYR A 424 -12.82 -3.75 -1.91
C TYR A 424 -14.00 -3.84 -2.86
N TYR A 425 -13.87 -4.65 -3.90
CA TYR A 425 -14.95 -4.87 -4.86
C TYR A 425 -16.23 -5.37 -4.17
N LEU A 426 -16.07 -6.17 -3.13
CA LEU A 426 -17.18 -6.75 -2.43
C LEU A 426 -17.83 -5.83 -1.42
N ILE A 427 -17.21 -4.70 -1.12
CA ILE A 427 -17.76 -3.83 -0.09
C ILE A 427 -19.13 -3.31 -0.51
N PRO A 428 -19.25 -2.68 -1.71
CA PRO A 428 -18.33 -2.36 -2.79
C PRO A 428 -17.75 -0.95 -2.72
N ASP A 429 -16.44 -0.83 -2.79
CA ASP A 429 -15.77 0.44 -2.91
C ASP A 429 -14.84 0.27 -4.07
N ILE A 430 -15.31 0.61 -5.25
CA ILE A 430 -14.57 0.43 -6.49
C ILE A 430 -13.38 1.39 -6.60
N GLN A 431 -13.52 2.59 -6.04
CA GLN A 431 -12.40 3.52 -5.97
C GLN A 431 -11.23 2.91 -5.22
N LYS A 432 -11.50 2.38 -4.03
CA LYS A 432 -10.45 1.76 -3.25
C LYS A 432 -9.81 0.61 -4.01
N ALA A 433 -10.62 -0.16 -4.72
CA ALA A 433 -10.11 -1.24 -5.55
C ALA A 433 -9.11 -0.77 -6.61
N ILE A 434 -9.44 0.31 -7.30
CA ILE A 434 -8.56 0.86 -8.31
C ILE A 434 -7.25 1.38 -7.70
N ILE A 435 -7.36 2.09 -6.58
CA ILE A 435 -6.22 2.61 -5.90
C ILE A 435 -5.30 1.47 -5.50
N ALA A 436 -5.85 0.38 -4.99
CA ALA A 436 -5.01 -0.76 -4.62
C ALA A 436 -4.27 -1.31 -5.81
N VAL A 437 -4.95 -1.43 -6.94
CA VAL A 437 -4.31 -2.00 -8.10
C VAL A 437 -3.19 -1.09 -8.55
N PHE A 438 -3.43 0.22 -8.56
CA PHE A 438 -2.43 1.13 -9.05
C PHE A 438 -1.25 1.32 -8.10
N ASP A 439 -1.44 1.03 -6.83
CA ASP A 439 -0.32 0.99 -5.91
C ASP A 439 0.66 -0.07 -6.36
N VAL A 440 0.16 -1.26 -6.68
CA VAL A 440 1.00 -2.31 -7.21
C VAL A 440 1.59 -1.88 -8.52
N LEU A 441 0.85 -1.12 -9.31
CA LEU A 441 1.38 -0.70 -10.60
C LEU A 441 2.54 0.26 -10.40
N ARG A 442 2.39 1.20 -9.47
CA ARG A 442 3.48 2.13 -9.15
C ARG A 442 4.72 1.40 -8.61
N ALA A 443 4.50 0.31 -7.89
CA ALA A 443 5.60 -0.46 -7.34
C ALA A 443 6.36 -1.20 -8.41
N ILE A 444 5.63 -1.74 -9.38
CA ILE A 444 6.23 -2.47 -10.48
C ILE A 444 7.06 -1.51 -11.32
N ASN A 445 6.64 -0.26 -11.38
CA ASN A 445 7.38 0.76 -12.13
C ASN A 445 8.69 1.06 -11.45
N ALA A 446 8.62 1.19 -10.13
CA ALA A 446 9.78 1.49 -9.31
C ALA A 446 10.79 0.36 -9.37
N TYR A 447 10.28 -0.87 -9.50
CA TYR A 447 11.13 -2.03 -9.66
C TYR A 447 11.83 -2.00 -10.99
N VAL A 448 11.09 -1.70 -12.04
CA VAL A 448 11.65 -1.68 -13.39
C VAL A 448 12.71 -0.61 -13.51
N THR A 449 12.40 0.58 -13.01
CA THR A 449 13.33 1.71 -13.02
C THR A 449 14.60 1.38 -12.24
N ASP A 450 14.43 0.59 -11.20
CA ASP A 450 15.51 0.20 -10.32
C ASP A 450 16.41 -0.82 -10.98
N MET A 451 15.81 -1.75 -11.73
CA MET A 451 16.54 -2.84 -12.35
C MET A 451 17.06 -2.49 -13.71
N ALA A 452 16.57 -1.41 -14.28
CA ALA A 452 16.92 -1.00 -15.63
C ALA A 452 17.11 -2.19 -16.59
N PRO A 453 16.01 -2.88 -16.93
CA PRO A 453 16.10 -4.08 -17.76
C PRO A 453 16.69 -3.81 -19.14
N TRP A 454 16.60 -2.57 -19.59
CA TRP A 454 17.17 -2.19 -20.87
C TRP A 454 18.69 -2.37 -20.87
N LYS A 455 19.35 -1.96 -19.79
CA LYS A 455 20.79 -2.19 -19.66
C LYS A 455 21.08 -3.69 -19.52
N LEU A 456 20.12 -4.43 -18.96
CA LEU A 456 20.35 -5.84 -18.64
C LEU A 456 20.45 -6.73 -19.84
N VAL A 457 19.86 -6.30 -20.95
CA VAL A 457 19.86 -7.10 -22.18
C VAL A 457 21.26 -7.44 -22.60
N LYS A 458 22.15 -6.48 -22.37
CA LYS A 458 23.56 -6.57 -22.69
C LYS A 458 24.34 -7.24 -21.55
N THR A 459 24.30 -6.61 -20.38
CA THR A 459 25.01 -7.06 -19.19
C THR A 459 24.67 -8.48 -18.75
N ASP A 460 23.42 -8.74 -18.42
CA ASP A 460 23.05 -9.96 -17.70
C ASP A 460 21.74 -10.54 -18.26
N PRO A 461 21.82 -11.35 -19.31
CA PRO A 461 20.63 -12.03 -19.82
C PRO A 461 19.86 -12.85 -18.78
N GLU A 462 20.52 -13.60 -17.91
CA GLU A 462 19.80 -14.44 -16.96
C GLU A 462 19.04 -13.55 -15.98
N ARG A 463 19.63 -12.46 -15.55
CA ARG A 463 18.95 -11.55 -14.63
C ARG A 463 17.71 -10.94 -15.27
N LEU A 464 17.83 -10.52 -16.53
CA LEU A 464 16.73 -9.98 -17.30
C LEU A 464 15.55 -10.92 -17.36
N ARG A 465 15.79 -12.21 -17.54
CA ARG A 465 14.73 -13.18 -17.59
C ARG A 465 13.82 -13.01 -16.38
N THR A 466 14.45 -12.79 -15.23
CA THR A 466 13.72 -12.69 -13.98
C THR A 466 12.94 -11.38 -13.88
N VAL A 467 13.59 -10.29 -14.16
CA VAL A 467 12.97 -8.99 -14.07
C VAL A 467 11.80 -8.92 -15.02
N LEU A 468 12.00 -9.44 -16.22
CA LEU A 468 11.01 -9.36 -17.27
C LEU A 468 9.79 -10.22 -16.95
N TYR A 469 10.01 -11.42 -16.47
CA TYR A 469 8.91 -12.27 -16.08
C TYR A 469 8.08 -11.70 -14.95
N ILE A 470 8.73 -11.12 -13.96
CA ILE A 470 8.00 -10.55 -12.86
C ILE A 470 7.21 -9.36 -13.36
N THR A 471 7.78 -8.61 -14.29
CA THR A 471 7.08 -7.44 -14.84
C THR A 471 5.86 -7.87 -15.63
N LEU A 472 6.01 -8.91 -16.43
CA LEU A 472 4.91 -9.46 -17.18
C LEU A 472 3.78 -9.92 -16.27
N GLU A 473 4.11 -10.70 -15.25
CA GLU A 473 3.06 -11.26 -14.40
C GLU A 473 2.38 -10.21 -13.56
N GLY A 474 3.10 -9.17 -13.16
CA GLY A 474 2.50 -8.09 -12.39
C GLY A 474 1.52 -7.34 -13.26
N VAL A 475 1.96 -6.99 -14.47
CA VAL A 475 1.08 -6.33 -15.44
C VAL A 475 -0.13 -7.20 -15.77
N ARG A 476 0.06 -8.50 -15.85
CA ARG A 476 -1.08 -9.37 -16.13
C ARG A 476 -2.10 -9.35 -15.00
N VAL A 477 -1.63 -9.48 -13.76
CA VAL A 477 -2.53 -9.61 -12.64
C VAL A 477 -3.21 -8.29 -12.33
N THR A 478 -2.49 -7.17 -12.40
CA THR A 478 -3.14 -5.88 -12.24
C THR A 478 -4.18 -5.68 -13.32
N THR A 479 -3.84 -6.05 -14.54
CA THR A 479 -4.75 -5.89 -15.67
C THR A 479 -6.02 -6.74 -15.51
N LEU A 480 -5.87 -7.97 -15.05
CA LEU A 480 -7.02 -8.77 -14.77
C LEU A 480 -7.94 -8.09 -13.76
N LEU A 481 -7.41 -7.63 -12.64
CA LEU A 481 -8.27 -7.01 -11.63
C LEU A 481 -8.77 -5.65 -12.07
N LEU A 482 -8.07 -5.05 -13.01
CA LEU A 482 -8.55 -3.82 -13.65
C LEU A 482 -9.55 -4.03 -14.78
N SER A 483 -9.87 -5.27 -15.12
CA SER A 483 -10.66 -5.49 -16.33
C SER A 483 -12.14 -5.10 -16.18
N PRO A 484 -12.70 -5.16 -14.98
CA PRO A 484 -14.07 -4.61 -14.91
C PRO A 484 -14.18 -3.10 -15.09
N ILE A 485 -13.06 -2.42 -15.15
CA ILE A 485 -13.05 -0.98 -15.23
C ILE A 485 -12.59 -0.58 -16.62
N LEU A 486 -11.61 -1.31 -17.15
CA LEU A 486 -11.10 -1.05 -18.47
C LEU A 486 -11.31 -2.29 -19.37
N PRO A 487 -12.58 -2.58 -19.69
CA PRO A 487 -12.89 -3.85 -20.34
C PRO A 487 -12.40 -3.96 -21.78
N ARG A 488 -12.28 -2.86 -22.50
CA ARG A 488 -11.77 -2.96 -23.86
C ARG A 488 -10.26 -2.97 -23.81
N LYS A 489 -9.71 -2.04 -23.04
CA LYS A 489 -8.28 -1.89 -22.90
C LYS A 489 -7.59 -3.08 -22.25
N SER A 490 -8.30 -3.84 -21.41
CA SER A 490 -7.68 -5.01 -20.81
C SER A 490 -7.52 -6.09 -21.82
N VAL A 491 -8.44 -6.16 -22.78
CA VAL A 491 -8.36 -7.13 -23.85
C VAL A 491 -7.18 -6.82 -24.75
N VAL A 492 -6.99 -5.56 -25.08
CA VAL A 492 -5.81 -5.15 -25.81
C VAL A 492 -4.55 -5.56 -25.08
N ILE A 493 -4.50 -5.29 -23.78
CA ILE A 493 -3.30 -5.58 -22.99
C ILE A 493 -3.02 -7.07 -22.96
N PHE A 494 -4.02 -7.85 -22.62
CA PHE A 494 -3.85 -9.28 -22.67
C PHE A 494 -3.38 -9.75 -24.05
N ASP A 495 -3.93 -9.18 -25.11
CA ASP A 495 -3.51 -9.52 -26.47
C ASP A 495 -2.03 -9.24 -26.69
N MET A 496 -1.58 -8.10 -26.22
CA MET A 496 -0.20 -7.72 -26.35
C MET A 496 0.67 -8.70 -25.58
N LEU A 497 0.26 -9.02 -24.38
CA LEU A 497 1.01 -9.97 -23.57
C LEU A 497 0.89 -11.39 -24.09
N GLY A 498 -0.12 -11.65 -24.90
CA GLY A 498 -0.27 -12.97 -25.51
C GLY A 498 -0.92 -13.97 -24.56
N VAL A 499 -1.76 -13.45 -23.67
CA VAL A 499 -2.41 -14.26 -22.68
C VAL A 499 -3.55 -15.03 -23.29
N PRO A 500 -3.48 -16.37 -23.25
CA PRO A 500 -4.57 -17.23 -23.70
C PRO A 500 -5.88 -16.85 -23.08
N GLU A 501 -6.98 -16.97 -23.81
CA GLU A 501 -8.31 -16.59 -23.31
C GLU A 501 -8.68 -17.17 -21.97
N VAL A 502 -8.43 -18.46 -21.77
CA VAL A 502 -8.80 -19.14 -20.56
C VAL A 502 -8.13 -18.55 -19.34
N HIS A 503 -7.09 -17.78 -19.55
CA HIS A 503 -6.36 -17.22 -18.44
C HIS A 503 -6.82 -15.82 -18.15
N ARG A 504 -7.85 -15.36 -18.85
CA ARG A 504 -8.33 -14.00 -18.71
C ARG A 504 -9.50 -13.89 -17.76
N LYS A 505 -9.92 -15.00 -17.17
CA LYS A 505 -10.97 -14.95 -16.18
C LYS A 505 -10.80 -16.09 -15.26
N GLY A 506 -11.60 -16.13 -14.21
CA GLY A 506 -11.50 -17.21 -13.22
C GLY A 506 -10.57 -16.93 -12.08
N ILE A 507 -10.90 -17.38 -10.88
CA ILE A 507 -10.08 -17.07 -9.73
C ILE A 507 -8.82 -17.92 -9.78
N GLU A 508 -8.83 -18.91 -10.66
CA GLU A 508 -7.66 -19.71 -10.87
C GLU A 508 -6.54 -18.83 -11.34
N ASN A 509 -6.89 -17.81 -12.11
CA ASN A 509 -5.88 -16.95 -12.70
C ASN A 509 -5.62 -15.68 -11.95
N PHE A 510 -6.15 -15.61 -10.73
CA PHE A 510 -5.72 -14.63 -9.75
C PHE A 510 -4.34 -14.99 -9.17
N GLU A 511 -3.96 -16.27 -9.25
CA GLU A 511 -2.71 -16.74 -8.67
C GLU A 511 -1.48 -16.34 -9.47
N PHE A 512 -0.41 -16.04 -8.74
CA PHE A 512 0.83 -15.66 -9.37
C PHE A 512 1.36 -16.84 -10.18
N GLY A 513 1.66 -16.59 -11.44
CA GLY A 513 2.30 -17.61 -12.28
C GLY A 513 1.42 -18.55 -13.07
N ALA A 514 0.23 -18.09 -13.46
CA ALA A 514 -0.75 -18.94 -14.12
C ALA A 514 -0.49 -19.05 -15.64
N VAL A 515 0.25 -18.09 -16.18
CA VAL A 515 0.64 -18.12 -17.56
C VAL A 515 2.09 -18.62 -17.65
N PRO A 516 2.29 -19.72 -18.38
CA PRO A 516 3.58 -20.37 -18.37
C PRO A 516 4.63 -19.61 -19.16
N PRO A 517 5.90 -19.77 -18.78
CA PRO A 517 6.99 -19.25 -19.58
C PRO A 517 6.99 -19.91 -20.96
N GLY A 518 7.43 -19.19 -21.97
CA GLY A 518 7.41 -19.70 -23.33
C GLY A 518 6.24 -19.18 -24.13
N THR A 519 5.21 -18.69 -23.43
CA THR A 519 4.07 -18.05 -24.08
C THR A 519 4.57 -16.94 -24.96
N ARG A 520 4.07 -16.85 -26.18
CA ARG A 520 4.51 -15.81 -27.09
C ARG A 520 3.66 -14.58 -26.94
N LEU A 521 4.26 -13.41 -27.09
CA LEU A 521 3.49 -12.17 -27.07
C LEU A 521 2.68 -12.10 -28.33
N GLY A 522 1.74 -11.18 -28.36
CA GLY A 522 0.85 -11.08 -29.48
C GLY A 522 1.48 -10.16 -30.45
N PRO A 523 1.02 -10.21 -31.76
CA PRO A 523 1.79 -9.37 -32.68
C PRO A 523 1.82 -7.95 -32.24
N ALA A 524 2.66 -7.16 -32.91
CA ALA A 524 2.86 -5.77 -32.57
C ALA A 524 2.29 -4.91 -33.66
N VAL A 525 1.65 -3.82 -33.29
CA VAL A 525 0.91 -3.00 -34.24
C VAL A 525 1.51 -1.62 -34.32
N GLU A 526 2.82 -1.54 -34.11
CA GLU A 526 3.47 -0.30 -33.72
C GLU A 526 2.94 0.99 -34.29
N GLY A 527 1.63 1.11 -34.26
CA GLY A 527 0.92 2.37 -34.22
C GLY A 527 0.43 2.48 -32.79
N GLU A 528 1.32 2.13 -31.89
CA GLU A 528 1.05 1.92 -30.48
C GLU A 528 -0.26 2.45 -29.89
N VAL A 529 -0.06 3.41 -29.00
CA VAL A 529 -1.02 3.92 -28.02
C VAL A 529 -1.77 2.78 -27.30
N LEU A 530 -1.54 2.69 -25.99
CA LEU A 530 -2.54 2.05 -25.17
C LEU A 530 -3.45 3.19 -24.83
N PHE A 531 -2.83 4.21 -24.26
CA PHE A 531 -3.45 5.49 -24.03
C PHE A 531 -2.52 6.57 -24.57
N SER A 532 -3.01 7.37 -25.50
CA SER A 532 -2.22 8.48 -26.04
C SER A 532 -2.38 9.69 -25.13
N LYS A 533 -1.27 10.30 -24.77
CA LYS A 533 -1.29 11.45 -23.88
C LYS A 533 -2.02 12.63 -24.50
N ARG A 534 -2.51 13.56 -23.71
CA ARG A 534 -3.28 14.68 -24.25
C ARG A 534 -2.78 16.04 -23.74
N SER A 535 -3.19 17.10 -24.44
CA SER A 535 -2.97 18.51 -24.07
C SER A 535 -1.84 18.82 -23.11
N GLY B 1 0.49 -12.60 3.00
CA GLY B 1 1.27 -13.83 2.79
C GLY B 1 2.33 -13.98 3.86
N PRO B 2 2.81 -15.20 4.06
CA PRO B 2 3.88 -15.40 5.04
C PRO B 2 5.16 -14.70 4.65
N GLY B 3 5.93 -14.27 5.63
CA GLY B 3 7.24 -13.71 5.37
C GLY B 3 8.22 -14.86 5.31
N SER B 4 9.50 -14.52 5.25
CA SER B 4 10.53 -15.54 5.22
C SER B 4 10.70 -16.12 6.61
N MET B 5 11.15 -17.36 6.69
CA MET B 5 11.31 -17.96 7.98
C MET B 5 12.58 -17.44 8.60
N LYS B 6 12.72 -17.70 9.92
CA LYS B 6 13.90 -17.37 10.65
C LYS B 6 15.12 -18.06 10.01
N VAL B 7 16.26 -17.41 10.08
CA VAL B 7 17.48 -18.04 9.68
C VAL B 7 17.89 -19.03 10.76
N GLU B 8 18.78 -19.95 10.42
CA GLU B 8 19.23 -20.99 11.35
C GLU B 8 20.49 -20.57 12.11
N LYS B 9 21.29 -19.69 11.52
CA LYS B 9 22.53 -19.24 12.13
C LYS B 9 22.24 -18.10 13.03
N VAL B 10 23.27 -17.42 13.51
CA VAL B 10 23.08 -16.20 14.28
C VAL B 10 23.13 -15.03 13.34
N PHE B 11 22.11 -14.21 13.32
CA PHE B 11 22.07 -13.16 12.32
C PHE B 11 23.12 -12.10 12.66
N PHE B 12 24.04 -11.91 11.73
CA PHE B 12 25.21 -11.10 11.95
C PHE B 12 25.15 -9.84 11.05
N VAL B 13 24.90 -8.69 11.67
CA VAL B 13 24.87 -7.44 10.96
C VAL B 13 25.95 -6.53 11.54
N THR B 14 26.67 -5.83 10.67
CA THR B 14 27.78 -4.97 11.10
C THR B 14 27.68 -3.53 10.63
N SER B 15 28.43 -2.69 11.33
CA SER B 15 28.61 -1.30 10.97
C SER B 15 30.03 -1.14 10.54
N PRO B 16 30.36 -0.08 9.80
CA PRO B 16 31.81 0.01 9.52
C PRO B 16 32.51 0.35 10.82
N ILE B 17 33.81 0.25 10.88
CA ILE B 17 34.54 0.76 12.04
C ILE B 17 35.06 2.14 11.68
N TYR B 18 34.87 3.07 12.60
CA TYR B 18 35.10 4.48 12.31
C TYR B 18 36.49 4.96 12.66
N TYR B 19 37.03 5.91 11.91
CA TYR B 19 38.37 6.40 12.13
C TYR B 19 38.38 7.33 13.34
N VAL B 20 39.35 7.16 14.24
CA VAL B 20 39.32 7.86 15.52
C VAL B 20 39.98 9.21 15.50
N ASN B 21 40.31 9.70 14.32
CA ASN B 21 40.91 11.02 14.21
C ASN B 21 39.86 12.10 14.00
N ALA B 22 38.68 11.88 14.54
CA ALA B 22 37.56 12.80 14.40
C ALA B 22 36.52 12.48 15.44
N ALA B 23 35.84 13.49 15.96
CA ALA B 23 34.79 13.26 16.92
C ALA B 23 33.64 12.54 16.23
N PRO B 24 32.84 11.77 16.99
CA PRO B 24 31.68 11.14 16.38
C PRO B 24 30.79 12.20 15.70
N HIS B 25 30.24 11.87 14.54
CA HIS B 25 29.34 12.78 13.87
C HIS B 25 28.16 12.04 13.24
N ILE B 26 27.31 12.76 12.51
CA ILE B 26 26.07 12.22 12.01
C ILE B 26 26.29 11.04 11.05
N GLY B 27 27.41 11.06 10.33
CA GLY B 27 27.72 9.97 9.43
C GLY B 27 27.82 8.64 10.15
N HIS B 28 28.57 8.64 11.25
CA HIS B 28 28.74 7.46 12.08
C HIS B 28 27.42 7.05 12.71
N VAL B 29 26.64 8.04 13.12
CA VAL B 29 25.42 7.80 13.84
C VAL B 29 24.38 7.21 12.91
N TYR B 30 24.33 7.71 11.68
CA TYR B 30 23.44 7.16 10.65
C TYR B 30 23.77 5.69 10.39
N SER B 31 25.02 5.35 10.10
CA SER B 31 25.36 3.96 9.81
C SER B 31 25.07 3.00 10.96
N THR B 32 25.29 3.44 12.18
CA THR B 32 25.09 2.55 13.31
C THR B 32 23.60 2.45 13.61
N LEU B 33 22.85 3.49 13.26
CA LEU B 33 21.39 3.46 13.42
C LEU B 33 20.79 2.39 12.51
N ILE B 34 21.27 2.34 11.28
CA ILE B 34 20.80 1.33 10.38
C ILE B 34 21.14 -0.05 10.92
N THR B 35 22.40 -0.28 11.26
CA THR B 35 22.82 -1.53 11.87
C THR B 35 21.95 -1.91 13.04
N ASP B 36 21.66 -0.94 13.89
CA ASP B 36 20.88 -1.21 15.08
C ASP B 36 19.47 -1.64 14.70
N VAL B 37 18.91 -0.93 13.75
CA VAL B 37 17.56 -1.18 13.31
C VAL B 37 17.41 -2.57 12.73
N ILE B 38 18.32 -2.94 11.84
CA ILE B 38 18.30 -4.26 11.24
C ILE B 38 18.46 -5.32 12.31
N GLY B 39 19.37 -5.08 13.24
CA GLY B 39 19.59 -6.00 14.33
C GLY B 39 18.37 -6.10 15.25
N ARG B 40 17.72 -4.98 15.49
CA ARG B 40 16.52 -4.97 16.31
C ARG B 40 15.38 -5.74 15.64
N TYR B 41 15.27 -5.66 14.32
CA TYR B 41 14.17 -6.33 13.66
C TYR B 41 14.32 -7.82 13.77
N HIS B 42 15.53 -8.32 13.55
CA HIS B 42 15.72 -9.73 13.56
C HIS B 42 15.64 -10.31 14.97
N ARG B 43 15.77 -9.44 15.97
CA ARG B 43 15.54 -9.84 17.34
C ARG B 43 14.05 -9.95 17.62
N VAL B 44 13.28 -8.97 17.15
CA VAL B 44 11.82 -9.04 17.24
C VAL B 44 11.28 -10.26 16.49
N LYS B 45 11.88 -10.57 15.34
CA LYS B 45 11.51 -11.78 14.62
C LYS B 45 11.81 -13.04 15.43
N GLY B 46 12.70 -12.94 16.41
CA GLY B 46 12.99 -14.05 17.30
C GLY B 46 14.19 -14.85 16.85
N GLU B 47 15.07 -14.20 16.11
CA GLU B 47 16.32 -14.79 15.73
C GLU B 47 17.42 -14.39 16.74
N ARG B 48 18.48 -15.17 16.79
CA ARG B 48 19.66 -14.75 17.51
C ARG B 48 20.38 -13.70 16.69
N VAL B 49 20.83 -12.64 17.33
CA VAL B 49 21.47 -11.53 16.63
C VAL B 49 22.80 -11.13 17.27
N PHE B 50 23.81 -10.91 16.44
CA PHE B 50 25.05 -10.28 16.88
C PHE B 50 25.29 -9.04 16.06
N ALA B 51 25.13 -7.87 16.66
CA ALA B 51 25.34 -6.64 15.92
C ALA B 51 26.66 -6.03 16.36
N LEU B 52 27.48 -5.63 15.39
CA LEU B 52 28.83 -5.22 15.69
C LEU B 52 29.07 -3.81 15.18
N THR B 53 29.89 -3.07 15.93
CA THR B 53 30.38 -1.76 15.49
C THR B 53 31.72 -1.55 16.16
N GLY B 54 32.40 -0.45 15.85
CA GLY B 54 33.73 -0.27 16.43
C GLY B 54 34.55 0.80 15.81
N THR B 55 35.85 0.81 16.11
CA THR B 55 36.71 1.92 15.74
C THR B 55 37.95 1.45 15.02
N ASP B 56 38.36 2.23 14.04
CA ASP B 56 39.54 1.98 13.25
C ASP B 56 40.67 2.87 13.80
N GLU B 57 41.65 2.26 14.43
CA GLU B 57 42.51 3.02 15.31
C GLU B 57 43.96 3.22 14.86
N HIS B 58 44.44 2.41 13.93
CA HIS B 58 45.82 2.53 13.51
C HIS B 58 46.10 3.56 12.43
N GLY B 59 47.37 3.69 12.08
CA GLY B 59 47.74 4.51 10.96
C GLY B 59 48.46 5.78 11.28
N GLN B 60 48.98 6.40 10.23
CA GLN B 60 49.81 7.58 10.37
C GLN B 60 49.10 8.79 10.98
N LYS B 61 47.91 9.09 10.45
CA LYS B 61 47.17 10.30 10.85
C LYS B 61 46.74 10.28 12.31
N VAL B 62 46.46 9.09 12.83
CA VAL B 62 46.11 8.97 14.23
C VAL B 62 47.31 9.29 15.09
N ALA B 63 48.43 8.69 14.76
CA ALA B 63 49.67 8.95 15.49
C ALA B 63 49.99 10.44 15.44
N GLU B 64 49.80 11.05 14.28
CA GLU B 64 50.06 12.47 14.13
C GLU B 64 49.06 13.30 14.92
N ALA B 65 47.83 12.81 15.10
CA ALA B 65 46.87 13.60 15.88
C ALA B 65 47.28 13.52 17.34
N ALA B 66 47.85 12.39 17.72
CA ALA B 66 48.24 12.17 19.10
C ALA B 66 49.54 12.86 19.51
N LYS B 67 50.46 13.11 18.58
CA LYS B 67 51.68 13.87 18.95
C LYS B 67 51.20 15.25 19.30
N GLN B 68 50.03 15.58 18.83
CA GLN B 68 49.73 16.96 18.82
C GLN B 68 48.76 17.35 19.92
N LYS B 69 48.01 16.40 20.41
CA LYS B 69 47.44 16.56 21.73
C LYS B 69 48.49 16.19 22.77
N GLN B 70 49.69 15.82 22.31
CA GLN B 70 50.80 15.44 23.20
C GLN B 70 50.47 14.29 24.16
N VAL B 71 49.87 13.24 23.61
CA VAL B 71 49.55 12.01 24.36
C VAL B 71 49.98 10.79 23.58
N SER B 72 50.05 9.67 24.26
CA SER B 72 50.40 8.40 23.63
C SER B 72 49.33 8.04 22.60
N PRO B 73 49.73 7.50 21.45
CA PRO B 73 48.70 7.16 20.46
C PRO B 73 47.67 6.18 21.02
N TYR B 74 48.08 5.31 21.94
CA TYR B 74 47.12 4.46 22.61
C TYR B 74 46.17 5.24 23.54
N ASP B 75 46.70 6.24 24.24
CA ASP B 75 45.84 7.06 25.08
C ASP B 75 44.78 7.79 24.26
N PHE B 76 45.25 8.41 23.19
CA PHE B 76 44.41 9.15 22.29
C PHE B 76 43.30 8.26 21.77
N THR B 77 43.64 7.08 21.31
CA THR B 77 42.63 6.23 20.72
C THR B 77 41.71 5.64 21.76
N THR B 78 42.20 5.40 22.96
CA THR B 78 41.32 4.89 24.00
C THR B 78 40.32 5.96 24.36
N ALA B 79 40.79 7.20 24.34
CA ALA B 79 39.95 8.33 24.68
C ALA B 79 38.83 8.54 23.64
N VAL B 80 39.18 8.54 22.36
CA VAL B 80 38.23 8.78 21.29
C VAL B 80 37.26 7.62 21.11
N ALA B 81 37.75 6.40 21.27
CA ALA B 81 36.87 5.28 21.24
C ALA B 81 35.82 5.43 22.32
N GLY B 82 36.18 6.05 23.44
CA GLY B 82 35.24 6.25 24.53
C GLY B 82 34.22 7.32 24.22
N GLU B 83 34.54 8.21 23.28
CA GLU B 83 33.61 9.20 22.81
C GLU B 83 32.54 8.53 21.94
N PHE B 84 32.98 7.66 21.04
CA PHE B 84 32.07 6.90 20.19
C PHE B 84 31.22 6.02 21.07
N LYS B 85 31.88 5.28 21.95
CA LYS B 85 31.21 4.34 22.84
C LYS B 85 30.09 5.05 23.58
N LYS B 86 30.36 6.28 23.96
CA LYS B 86 29.42 7.10 24.75
C LYS B 86 28.32 7.66 23.87
N CYS B 87 28.68 8.06 22.66
CA CYS B 87 27.71 8.56 21.69
C CYS B 87 26.62 7.54 21.41
N PHE B 88 27.03 6.28 21.25
CA PHE B 88 26.11 5.22 20.92
C PHE B 88 25.24 4.80 22.09
N GLU B 89 25.61 5.20 23.31
CA GLU B 89 24.73 4.99 24.45
C GLU B 89 23.72 6.13 24.56
N GLN B 90 24.17 7.36 24.31
CA GLN B 90 23.23 8.47 24.36
CA GLN B 90 23.30 8.53 24.31
C GLN B 90 22.21 8.32 23.25
N MET B 91 22.61 7.72 22.13
CA MET B 91 21.69 7.44 21.03
C MET B 91 20.79 6.24 21.29
N ASP B 92 21.06 5.50 22.35
CA ASP B 92 20.17 4.43 22.79
C ASP B 92 20.14 3.28 21.76
N TYR B 93 21.29 3.00 21.16
CA TYR B 93 21.40 1.84 20.29
C TYR B 93 21.45 0.60 21.15
N SER B 94 21.45 -0.56 20.50
CA SER B 94 21.59 -1.80 21.21
C SER B 94 22.52 -2.72 20.44
N ILE B 95 23.74 -2.24 20.19
CA ILE B 95 24.77 -3.03 19.53
C ILE B 95 25.40 -4.01 20.51
N ASP B 96 25.79 -5.19 20.02
CA ASP B 96 26.19 -6.25 20.90
C ASP B 96 27.65 -6.17 21.32
N TYR B 97 28.50 -5.68 20.43
CA TYR B 97 29.91 -5.57 20.74
C TYR B 97 30.55 -4.38 20.05
N PHE B 98 31.46 -3.71 20.77
CA PHE B 98 32.19 -2.59 20.23
C PHE B 98 33.65 -3.00 20.06
N ILE B 99 34.06 -3.30 18.83
CA ILE B 99 35.40 -3.81 18.60
C ILE B 99 36.42 -2.70 18.36
N ARG B 100 37.63 -2.85 18.89
CA ARG B 100 38.68 -1.90 18.57
C ARG B 100 39.83 -2.62 17.89
N THR B 101 40.46 -1.97 16.92
CA THR B 101 41.52 -2.60 16.17
C THR B 101 42.82 -2.66 16.96
N THR B 102 42.82 -2.08 18.16
CA THR B 102 43.99 -2.16 19.01
C THR B 102 43.90 -3.38 19.92
N ASN B 103 42.77 -4.07 19.81
CA ASN B 103 42.55 -5.26 20.59
C ASN B 103 43.50 -6.36 20.20
N GLU B 104 43.99 -7.12 21.17
CA GLU B 104 44.98 -8.13 20.90
C GLU B 104 44.38 -9.25 20.10
N GLN B 105 43.14 -9.56 20.38
CA GLN B 105 42.47 -10.66 19.71
C GLN B 105 42.26 -10.28 18.28
N HIS B 106 41.99 -9.00 18.02
CA HIS B 106 41.94 -8.55 16.64
C HIS B 106 43.27 -8.83 15.93
N LYS B 107 44.38 -8.45 16.55
CA LYS B 107 45.71 -8.60 15.95
C LYS B 107 46.02 -10.06 15.68
N ALA B 108 45.58 -10.94 16.56
CA ALA B 108 45.74 -12.37 16.34
C ALA B 108 45.06 -12.81 15.05
N VAL B 109 43.83 -12.35 14.83
CA VAL B 109 43.07 -12.72 13.66
C VAL B 109 43.68 -12.13 12.38
N VAL B 110 44.05 -10.86 12.42
CA VAL B 110 44.75 -10.24 11.29
C VAL B 110 46.01 -11.01 10.91
N LYS B 111 46.75 -11.49 11.90
CA LYS B 111 47.96 -12.26 11.63
C LYS B 111 47.59 -13.60 11.05
N GLU B 112 46.55 -14.24 11.57
CA GLU B 112 46.08 -15.49 10.99
C GLU B 112 45.70 -15.30 9.55
N LEU B 113 44.92 -14.28 9.27
CA LEU B 113 44.42 -14.06 7.92
C LEU B 113 45.57 -13.70 6.99
N TRP B 114 46.44 -12.81 7.44
CA TRP B 114 47.62 -12.46 6.65
C TRP B 114 48.39 -13.69 6.25
N THR B 115 48.60 -14.61 7.19
CA THR B 115 49.43 -15.77 6.94
C THR B 115 48.80 -16.70 5.93
N LYS B 116 47.49 -16.87 6.00
CA LYS B 116 46.80 -17.80 5.12
C LYS B 116 46.87 -17.27 3.70
N LEU B 117 46.69 -15.97 3.54
CA LEU B 117 46.75 -15.36 2.23
C LEU B 117 48.13 -15.49 1.63
N GLU B 118 49.12 -15.39 2.48
CA GLU B 118 50.52 -15.49 2.08
C GLU B 118 50.85 -16.93 1.77
N GLN B 119 50.32 -17.84 2.55
CA GLN B 119 50.62 -19.25 2.34
C GLN B 119 50.01 -19.78 1.05
N LYS B 120 48.86 -19.23 0.65
CA LYS B 120 48.19 -19.66 -0.56
C LYS B 120 48.79 -19.03 -1.82
N GLY B 121 49.77 -18.14 -1.65
CA GLY B 121 50.41 -17.44 -2.74
C GLY B 121 49.75 -16.17 -3.24
N ASP B 122 48.80 -15.64 -2.50
CA ASP B 122 48.06 -14.50 -2.99
C ASP B 122 48.59 -13.19 -2.42
N ILE B 123 49.44 -13.29 -1.40
CA ILE B 123 50.28 -12.18 -0.96
C ILE B 123 51.73 -12.54 -1.25
N TYR B 124 52.46 -11.65 -1.90
CA TYR B 124 53.85 -11.93 -2.23
C TYR B 124 54.68 -10.71 -1.90
N LEU B 125 55.97 -10.91 -1.65
CA LEU B 125 56.83 -9.80 -1.32
C LEU B 125 57.64 -9.42 -2.54
N GLY B 126 57.71 -8.13 -2.81
CA GLY B 126 58.52 -7.64 -3.93
C GLY B 126 59.08 -6.28 -3.67
N ARG B 127 60.06 -5.89 -4.46
CA ARG B 127 60.68 -4.57 -4.34
C ARG B 127 60.00 -3.59 -5.23
N TYR B 128 59.40 -2.55 -4.66
CA TYR B 128 58.82 -1.51 -5.48
C TYR B 128 59.86 -0.43 -5.73
N GLU B 129 60.03 -0.07 -6.99
CA GLU B 129 61.00 0.95 -7.39
C GLU B 129 60.28 1.97 -8.27
N GLY B 130 59.84 3.06 -7.68
CA GLY B 130 59.09 4.08 -8.40
C GLY B 130 58.88 5.31 -7.56
N TRP B 131 57.99 6.18 -7.99
CA TRP B 131 57.67 7.40 -7.25
C TRP B 131 56.65 7.09 -6.15
N TYR B 132 56.82 7.74 -5.01
CA TYR B 132 55.92 7.57 -3.87
C TYR B 132 55.44 8.92 -3.37
N SER B 133 54.15 9.02 -3.13
CA SER B 133 53.59 10.19 -2.45
C SER B 133 53.68 9.98 -0.95
N ILE B 134 54.74 10.53 -0.36
CA ILE B 134 54.98 10.44 1.07
C ILE B 134 53.71 10.76 1.85
N SER B 135 53.13 11.90 1.51
CA SER B 135 51.93 12.44 2.14
C SER B 135 50.69 11.55 2.00
N ASP B 136 50.37 11.21 0.76
CA ASP B 136 49.10 10.56 0.44
C ASP B 136 49.11 9.06 0.77
N GLU B 137 50.24 8.57 1.27
CA GLU B 137 50.46 7.15 1.53
C GLU B 137 50.07 6.33 0.28
N SER B 138 50.50 6.79 -0.89
CA SER B 138 50.14 6.16 -2.16
C SER B 138 51.33 6.02 -3.09
N PHE B 139 51.25 5.05 -3.99
CA PHE B 139 52.27 4.82 -5.03
C PHE B 139 51.82 5.44 -6.35
N LEU B 140 52.75 5.99 -7.11
CA LEU B 140 52.41 6.73 -8.32
C LEU B 140 53.32 6.36 -9.50
N THR B 141 52.79 6.47 -10.72
CA THR B 141 53.56 6.21 -11.95
C THR B 141 53.97 7.55 -12.60
N PRO B 142 54.91 7.51 -13.56
CA PRO B 142 55.31 8.75 -14.24
C PRO B 142 54.18 9.49 -14.96
N GLN B 143 53.08 8.80 -15.25
CA GLN B 143 51.92 9.45 -15.86
C GLN B 143 51.17 10.29 -14.83
N ASN B 144 51.59 10.20 -13.57
CA ASN B 144 50.92 10.91 -12.50
C ASN B 144 51.79 11.92 -11.77
N ILE B 145 52.97 12.23 -12.31
CA ILE B 145 53.84 13.22 -11.66
C ILE B 145 54.23 14.36 -12.58
N THR B 146 54.58 15.50 -12.00
CA THR B 146 55.04 16.66 -12.77
C THR B 146 56.51 16.51 -13.11
N CYS B 156 60.18 19.33 -6.32
CA CYS B 156 60.45 19.64 -7.73
C CYS B 156 59.59 18.80 -8.66
N LYS B 157 59.35 17.56 -8.26
CA LYS B 157 58.34 16.76 -8.92
C LYS B 157 57.30 16.53 -7.86
N VAL B 158 56.04 16.69 -8.22
CA VAL B 158 54.99 16.48 -7.24
C VAL B 158 53.83 15.79 -7.89
N SER B 159 52.90 15.30 -7.09
CA SER B 159 51.70 14.68 -7.60
C SER B 159 50.96 15.61 -8.55
N LEU B 160 50.58 15.06 -9.69
CA LEU B 160 49.67 15.71 -10.62
C LEU B 160 48.26 15.86 -10.06
N GLU B 161 47.81 14.91 -9.26
CA GLU B 161 46.44 14.92 -8.74
C GLU B 161 46.37 15.61 -7.37
N SER B 162 47.39 15.42 -6.55
CA SER B 162 47.51 16.16 -5.30
C SER B 162 48.88 16.83 -5.29
N GLY B 163 48.89 18.16 -5.24
CA GLY B 163 50.13 18.91 -5.39
C GLY B 163 51.16 18.73 -4.30
N HIS B 164 51.15 17.57 -3.63
CA HIS B 164 52.16 17.25 -2.63
C HIS B 164 53.38 16.62 -3.32
N VAL B 165 54.56 16.82 -2.73
CA VAL B 165 55.81 16.38 -3.35
C VAL B 165 55.93 14.85 -3.36
N VAL B 166 56.71 14.32 -4.30
CA VAL B 166 56.94 12.88 -4.42
C VAL B 166 58.40 12.57 -4.71
N THR B 167 58.89 11.46 -4.17
CA THR B 167 60.28 11.08 -4.34
C THR B 167 60.39 9.66 -4.87
N TRP B 168 61.54 9.37 -5.49
CA TRP B 168 61.80 8.05 -6.02
C TRP B 168 62.29 7.13 -4.91
N VAL B 169 61.48 6.13 -4.57
CA VAL B 169 61.86 5.19 -3.51
C VAL B 169 62.27 3.82 -4.03
N SER B 170 62.79 2.98 -3.14
CA SER B 170 63.14 1.63 -3.52
C SER B 170 62.92 0.68 -2.37
N GLU B 171 61.67 0.61 -1.92
CA GLU B 171 61.26 -0.17 -0.74
C GLU B 171 60.78 -1.58 -1.12
N GLU B 172 60.89 -2.53 -0.20
CA GLU B 172 60.17 -3.81 -0.31
C GLU B 172 58.74 -3.59 0.10
N ASN B 173 57.84 -4.36 -0.49
CA ASN B 173 56.41 -4.18 -0.22
C ASN B 173 55.60 -5.45 -0.43
N TYR B 174 54.51 -5.60 0.31
CA TYR B 174 53.65 -6.78 0.15
C TYR B 174 52.45 -6.47 -0.70
N MET B 175 52.29 -7.21 -1.78
CA MET B 175 51.14 -7.04 -2.65
C MET B 175 50.19 -8.18 -2.45
N PHE B 176 48.89 -7.85 -2.48
CA PHE B 176 47.85 -8.85 -2.65
C PHE B 176 47.48 -8.92 -4.13
N ARG B 177 47.58 -10.12 -4.71
CA ARG B 177 47.27 -10.35 -6.12
C ARG B 177 45.77 -10.25 -6.43
N LEU B 178 45.23 -9.06 -6.25
CA LEU B 178 43.80 -8.80 -6.45
C LEU B 178 43.31 -9.13 -7.87
N SER B 179 44.21 -9.04 -8.85
CA SER B 179 43.81 -9.11 -10.22
C SER B 179 43.50 -10.53 -10.65
N ALA B 180 43.93 -11.48 -9.81
CA ALA B 180 43.69 -12.88 -10.07
C ALA B 180 42.31 -13.27 -9.61
N PHE B 181 41.55 -12.29 -9.16
CA PHE B 181 40.27 -12.58 -8.53
C PHE B 181 39.12 -12.00 -9.32
N ARG B 182 39.43 -11.36 -10.43
CA ARG B 182 38.43 -10.75 -11.27
C ARG B 182 37.28 -11.68 -11.64
N GLU B 183 37.57 -12.84 -12.22
CA GLU B 183 36.53 -13.76 -12.62
C GLU B 183 35.69 -14.19 -11.45
N ARG B 184 36.31 -14.78 -10.44
CA ARG B 184 35.58 -15.27 -9.28
C ARG B 184 34.69 -14.20 -8.64
N LEU B 185 35.09 -12.94 -8.76
CA LEU B 185 34.34 -11.86 -8.13
C LEU B 185 33.11 -11.59 -8.96
N LEU B 186 33.31 -11.44 -10.27
CA LEU B 186 32.22 -11.33 -11.20
C LEU B 186 31.26 -12.54 -11.13
N GLU B 187 31.77 -13.77 -11.09
CA GLU B 187 30.93 -14.94 -10.84
C GLU B 187 30.02 -14.74 -9.61
N TRP B 188 30.59 -14.24 -8.53
CA TRP B 188 29.86 -14.02 -7.29
C TRP B 188 28.77 -12.97 -7.45
N TYR B 189 29.10 -11.83 -8.03
CA TYR B 189 28.09 -10.81 -8.27
C TYR B 189 26.97 -11.37 -9.14
N HIS B 190 27.25 -12.17 -10.16
CA HIS B 190 26.10 -12.65 -10.97
CA HIS B 190 26.20 -12.69 -10.99
C HIS B 190 25.39 -13.78 -10.26
N ALA B 191 26.08 -14.62 -9.53
CA ALA B 191 25.39 -15.70 -8.85
C ALA B 191 24.51 -15.20 -7.69
N ASN B 192 24.76 -14.00 -7.20
CA ASN B 192 24.01 -13.49 -6.08
C ASN B 192 23.58 -12.06 -6.39
N PRO B 193 22.58 -11.91 -7.26
CA PRO B 193 22.22 -10.62 -7.83
C PRO B 193 21.64 -9.61 -6.83
N GLY B 194 21.35 -10.06 -5.60
CA GLY B 194 21.00 -9.11 -4.54
C GLY B 194 22.11 -8.88 -3.51
N CYS B 195 23.34 -9.27 -3.81
CA CYS B 195 24.37 -9.24 -2.78
C CYS B 195 24.90 -7.85 -2.54
N ILE B 196 24.53 -6.88 -3.38
CA ILE B 196 24.89 -5.50 -3.14
C ILE B 196 23.67 -4.63 -3.35
N VAL B 197 23.38 -3.74 -2.41
CA VAL B 197 22.18 -2.94 -2.46
C VAL B 197 22.53 -1.50 -2.20
N PRO B 198 21.92 -0.54 -2.90
CA PRO B 198 20.96 -0.52 -3.98
C PRO B 198 21.50 -1.09 -5.27
N GLU B 199 20.61 -1.59 -6.11
CA GLU B 199 20.97 -2.23 -7.37
C GLU B 199 21.92 -1.38 -8.24
N PHE B 200 21.75 -0.06 -8.24
CA PHE B 200 22.56 0.74 -9.14
C PHE B 200 24.02 0.78 -8.69
N ARG B 201 24.26 0.63 -7.40
CA ARG B 201 25.63 0.56 -6.91
C ARG B 201 26.19 -0.80 -7.21
N ARG B 202 25.35 -1.82 -7.11
CA ARG B 202 25.76 -3.15 -7.49
C ARG B 202 26.21 -3.14 -8.94
N ARG B 203 25.46 -2.47 -9.81
CA ARG B 203 25.82 -2.36 -11.21
C ARG B 203 27.14 -1.61 -11.35
N GLU B 204 27.33 -0.57 -10.52
CA GLU B 204 28.58 0.21 -10.50
C GLU B 204 29.82 -0.61 -10.20
N VAL B 205 29.72 -1.47 -9.19
CA VAL B 205 30.82 -2.33 -8.81
C VAL B 205 31.14 -3.29 -9.94
N ILE B 206 30.12 -3.86 -10.55
CA ILE B 206 30.34 -4.83 -11.61
C ILE B 206 31.09 -4.22 -12.81
N ARG B 207 30.72 -3.05 -13.28
CA ARG B 207 31.44 -2.50 -14.42
C ARG B 207 32.87 -2.19 -14.02
N ALA B 208 33.08 -1.81 -12.76
CA ALA B 208 34.43 -1.56 -12.25
C ALA B 208 35.30 -2.81 -12.32
N VAL B 209 34.84 -3.90 -11.74
CA VAL B 209 35.59 -5.14 -11.76
C VAL B 209 35.73 -5.65 -13.18
N GLU B 210 34.80 -5.32 -14.06
CA GLU B 210 34.87 -5.79 -15.46
C GLU B 210 35.96 -5.11 -16.25
N LYS B 211 36.19 -3.84 -15.95
CA LYS B 211 37.29 -3.07 -16.56
C LYS B 211 38.67 -3.61 -16.25
N GLY B 212 38.78 -4.41 -15.20
CA GLY B 212 40.04 -5.04 -14.81
C GLY B 212 40.46 -4.56 -13.46
N LEU B 213 41.11 -5.41 -12.68
CA LEU B 213 41.59 -5.03 -11.33
C LEU B 213 43.12 -4.96 -11.27
N PRO B 214 43.65 -3.99 -10.53
CA PRO B 214 45.10 -4.02 -10.31
C PRO B 214 45.40 -4.80 -9.04
N ASP B 215 46.67 -5.05 -8.75
CA ASP B 215 47.00 -5.68 -7.48
C ASP B 215 46.94 -4.66 -6.35
N LEU B 216 46.96 -5.12 -5.11
CA LEU B 216 46.72 -4.21 -4.00
C LEU B 216 47.81 -4.31 -2.94
N SER B 217 48.41 -3.15 -2.66
CA SER B 217 49.45 -3.04 -1.65
C SER B 217 48.84 -3.17 -0.29
N VAL B 218 49.27 -4.17 0.46
CA VAL B 218 48.69 -4.42 1.77
C VAL B 218 49.63 -4.19 2.93
N SER B 219 50.83 -3.65 2.68
CA SER B 219 51.72 -3.24 3.77
C SER B 219 52.39 -1.92 3.52
N ARG B 220 52.77 -1.25 4.59
CA ARG B 220 53.63 -0.08 4.48
C ARG B 220 54.90 -0.30 5.30
N ALA B 221 55.84 0.61 5.21
CA ALA B 221 57.04 0.52 6.04
C ALA B 221 56.68 1.06 7.40
N ARG B 222 57.25 0.50 8.47
CA ARG B 222 56.86 0.90 9.83
C ARG B 222 57.14 2.39 10.13
N ALA B 223 58.16 2.96 9.51
CA ALA B 223 58.45 4.38 9.69
C ALA B 223 57.34 5.23 9.10
N THR B 224 56.74 4.74 8.04
CA THR B 224 55.74 5.46 7.27
C THR B 224 54.47 5.61 8.10
N LEU B 225 54.21 4.62 8.96
CA LEU B 225 53.00 4.60 9.75
C LEU B 225 53.26 5.10 11.16
N HIS B 226 54.47 5.60 11.37
CA HIS B 226 54.90 6.04 12.69
C HIS B 226 54.79 4.92 13.69
N ASN B 227 55.06 3.72 13.24
CA ASN B 227 55.02 2.56 14.11
C ASN B 227 53.71 2.38 14.84
N TRP B 228 52.62 2.84 14.24
CA TRP B 228 51.32 2.70 14.88
C TRP B 228 50.38 1.83 14.02
N ALA B 229 50.63 0.53 14.07
CA ALA B 229 49.96 -0.43 13.21
C ALA B 229 50.34 -1.84 13.64
N ILE B 230 49.81 -2.85 12.98
CA ILE B 230 50.09 -4.24 13.29
C ILE B 230 51.28 -4.72 12.45
N PRO B 231 52.28 -5.32 13.08
CA PRO B 231 53.42 -5.80 12.33
C PRO B 231 53.10 -6.98 11.42
N VAL B 232 53.63 -6.94 10.20
CA VAL B 232 53.52 -8.05 9.31
C VAL B 232 54.17 -9.26 9.96
N PRO B 233 53.42 -10.35 10.14
CA PRO B 233 54.01 -11.56 10.70
C PRO B 233 55.21 -12.03 9.91
N GLY B 234 56.32 -12.21 10.60
CA GLY B 234 57.51 -12.77 10.01
C GLY B 234 58.47 -11.68 9.62
N ASN B 235 58.01 -10.44 9.65
CA ASN B 235 58.80 -9.33 9.15
C ASN B 235 58.42 -8.05 9.88
N PRO B 236 59.12 -7.76 10.96
CA PRO B 236 58.86 -6.62 11.85
C PRO B 236 59.09 -5.27 11.22
N ASP B 237 59.79 -5.24 10.09
CA ASP B 237 60.12 -3.98 9.43
C ASP B 237 58.94 -3.36 8.74
N HIS B 238 57.87 -4.13 8.63
CA HIS B 238 56.69 -3.71 7.88
C HIS B 238 55.43 -3.87 8.68
N CYS B 239 54.44 -3.05 8.35
CA CYS B 239 53.19 -3.01 9.06
C CYS B 239 52.00 -3.36 8.14
N VAL B 240 50.96 -3.97 8.69
CA VAL B 240 49.78 -4.31 7.93
C VAL B 240 48.97 -3.04 7.68
N TYR B 241 48.68 -2.77 6.40
CA TYR B 241 47.95 -1.58 6.02
C TYR B 241 46.45 -1.72 6.28
N VAL B 242 45.70 -0.66 6.00
CA VAL B 242 44.30 -0.52 6.43
C VAL B 242 43.34 -1.62 5.95
N TRP B 243 43.55 -2.10 4.74
CA TRP B 243 42.68 -3.06 4.16
C TRP B 243 42.60 -4.28 5.06
N LEU B 244 43.64 -5.09 5.13
CA LEU B 244 43.60 -6.31 5.95
C LEU B 244 43.43 -6.06 7.44
N ASP B 245 43.70 -4.84 7.88
CA ASP B 245 43.54 -4.51 9.27
C ASP B 245 42.08 -4.25 9.56
N ALA B 246 41.55 -3.18 8.98
CA ALA B 246 40.20 -2.74 9.26
C ALA B 246 39.14 -3.72 8.81
N LEU B 247 39.25 -4.25 7.62
CA LEU B 247 38.20 -5.16 7.13
C LEU B 247 38.08 -6.38 8.02
N THR B 248 39.18 -6.84 8.57
CA THR B 248 39.19 -8.08 9.33
C THR B 248 38.37 -8.01 10.62
N ASN B 249 38.21 -6.81 11.11
CA ASN B 249 37.23 -6.47 12.13
C ASN B 249 36.03 -7.42 12.15
N TYR B 250 35.41 -7.62 11.00
CA TYR B 250 34.18 -8.41 10.92
C TYR B 250 34.45 -9.86 11.23
N LEU B 251 35.58 -10.35 10.75
CA LEU B 251 36.00 -11.70 11.07
C LEU B 251 36.33 -11.88 12.57
N THR B 252 37.11 -10.96 13.14
CA THR B 252 37.41 -11.05 14.56
C THR B 252 36.13 -11.08 15.38
N GLY B 253 35.25 -10.12 15.11
CA GLY B 253 33.98 -10.03 15.82
C GLY B 253 33.17 -11.30 15.79
N SER B 254 33.23 -12.04 14.69
CA SER B 254 32.44 -13.25 14.58
C SER B 254 32.99 -14.38 15.41
N ARG B 255 34.17 -14.18 16.00
CA ARG B 255 34.87 -15.23 16.75
C ARG B 255 35.02 -14.90 18.22
N LEU B 256 34.50 -13.77 18.66
CA LEU B 256 34.63 -13.36 20.06
C LEU B 256 33.45 -13.76 20.94
N ARG B 257 33.72 -14.54 21.99
CA ARG B 257 32.76 -14.71 23.08
C ARG B 257 32.70 -13.45 23.93
N VAL B 258 31.48 -12.97 24.17
CA VAL B 258 31.29 -11.72 24.90
C VAL B 258 30.46 -11.95 26.16
N ASP B 259 30.81 -11.22 27.21
CA ASP B 259 30.08 -11.36 28.46
C ASP B 259 28.97 -10.34 28.57
N GLU B 260 28.45 -10.22 29.77
CA GLU B 260 27.28 -9.41 30.00
C GLU B 260 27.59 -7.96 30.04
N SER B 261 28.85 -7.63 30.27
CA SER B 261 29.21 -6.23 30.38
C SER B 261 29.63 -5.70 29.05
N GLY B 262 29.93 -6.61 28.12
CA GLY B 262 30.22 -6.26 26.75
C GLY B 262 31.67 -6.44 26.38
N LYS B 263 32.44 -6.99 27.31
CA LYS B 263 33.85 -7.21 27.10
C LYS B 263 34.12 -8.56 26.51
N GLU B 264 35.15 -8.61 25.70
CA GLU B 264 35.57 -9.79 25.02
C GLU B 264 36.30 -10.66 25.99
N VAL B 265 35.96 -11.92 26.06
CA VAL B 265 36.58 -12.77 27.02
C VAL B 265 37.32 -13.93 26.42
N SER B 266 37.09 -14.18 25.14
CA SER B 266 37.66 -15.34 24.50
C SER B 266 37.64 -15.15 23.02
N LEU B 267 38.63 -15.65 22.32
CA LEU B 267 38.62 -15.67 20.88
C LEU B 267 38.61 -17.10 20.40
N VAL B 268 37.45 -17.54 19.97
CA VAL B 268 37.27 -18.87 19.45
C VAL B 268 38.13 -19.13 18.20
N ASP B 269 38.58 -20.38 18.05
CA ASP B 269 39.48 -20.78 16.94
C ASP B 269 38.77 -20.89 15.61
N ASP B 270 37.58 -21.48 15.63
CA ASP B 270 36.81 -21.78 14.43
C ASP B 270 35.50 -21.00 14.45
N PHE B 271 35.37 -20.03 13.56
CA PHE B 271 34.20 -19.14 13.50
C PHE B 271 32.87 -19.85 13.49
N ASN B 272 32.82 -21.06 12.95
CA ASN B 272 31.57 -21.80 12.89
C ASN B 272 30.98 -22.08 14.24
N GLU B 273 31.77 -21.92 15.28
CA GLU B 273 31.30 -22.25 16.62
C GLU B 273 30.32 -21.21 17.14
N LEU B 274 30.44 -19.99 16.67
CA LEU B 274 29.58 -18.93 17.16
C LEU B 274 28.46 -18.63 16.17
N GLU B 275 28.54 -19.26 15.00
CA GLU B 275 27.49 -19.21 14.00
C GLU B 275 27.19 -17.80 13.47
N ARG B 276 28.17 -16.90 13.52
CA ARG B 276 27.99 -15.53 13.07
C ARG B 276 28.57 -15.29 11.68
N PHE B 277 29.77 -15.76 11.42
CA PHE B 277 30.39 -15.48 10.14
C PHE B 277 29.79 -16.39 9.09
N PRO B 278 29.55 -15.86 7.88
CA PRO B 278 29.78 -14.49 7.45
C PRO B 278 28.64 -13.58 7.76
N ALA B 279 28.85 -12.29 7.57
CA ALA B 279 27.83 -11.32 7.84
C ALA B 279 26.64 -11.53 6.96
N ASP B 280 25.48 -11.33 7.53
CA ASP B 280 24.26 -11.32 6.75
C ASP B 280 24.04 -9.93 6.14
N VAL B 281 24.30 -8.87 6.89
CA VAL B 281 24.39 -7.56 6.28
C VAL B 281 25.60 -6.78 6.72
N HIS B 282 26.33 -6.22 5.76
CA HIS B 282 27.33 -5.21 6.03
C HIS B 282 26.77 -3.84 5.70
N VAL B 283 26.41 -3.07 6.70
CA VAL B 283 26.02 -1.69 6.48
C VAL B 283 27.26 -0.84 6.31
N ILE B 284 27.27 -0.02 5.26
CA ILE B 284 28.38 0.90 5.00
C ILE B 284 27.83 2.14 4.31
N GLY B 285 28.65 3.17 4.19
CA GLY B 285 28.32 4.31 3.36
C GLY B 285 28.90 4.07 1.99
N LYS B 286 28.53 4.89 1.02
CA LYS B 286 28.89 4.61 -0.36
C LYS B 286 30.36 4.82 -0.60
N ASP B 287 31.03 5.55 0.28
CA ASP B 287 32.45 5.89 0.11
C ASP B 287 33.40 4.71 0.25
N ILE B 288 32.97 3.64 0.91
CA ILE B 288 33.83 2.48 1.13
C ILE B 288 33.27 1.20 0.51
N LEU B 289 32.45 1.38 -0.51
CA LEU B 289 31.84 0.26 -1.23
C LEU B 289 32.86 -0.58 -1.98
N LYS B 290 33.88 0.03 -2.55
CA LYS B 290 34.86 -0.76 -3.26
C LYS B 290 35.66 -1.63 -2.32
N PHE B 291 35.96 -1.10 -1.16
CA PHE B 291 36.72 -1.83 -0.15
C PHE B 291 35.92 -3.06 0.26
N HIS B 292 34.61 -2.89 0.39
CA HIS B 292 33.74 -3.96 0.86
C HIS B 292 33.27 -4.91 -0.26
N ALA B 293 33.07 -4.41 -1.45
CA ALA B 293 32.53 -5.25 -2.51
C ALA B 293 33.59 -5.91 -3.36
N ILE B 294 34.80 -5.34 -3.34
CA ILE B 294 35.90 -5.88 -4.15
C ILE B 294 37.05 -6.43 -3.34
N TYR B 295 37.61 -5.64 -2.42
CA TYR B 295 38.76 -6.11 -1.66
C TYR B 295 38.40 -7.23 -0.72
N TRP B 296 37.44 -6.94 0.14
CA TRP B 296 37.00 -7.85 1.22
C TRP B 296 36.68 -9.23 0.68
N PRO B 297 35.78 -9.35 -0.32
CA PRO B 297 35.51 -10.73 -0.77
C PRO B 297 36.70 -11.43 -1.43
N ALA B 298 37.57 -10.69 -2.07
CA ALA B 298 38.78 -11.27 -2.59
C ALA B 298 39.65 -11.84 -1.44
N PHE B 299 39.78 -11.12 -0.33
CA PHE B 299 40.51 -11.68 0.80
C PHE B 299 39.89 -12.99 1.25
N LEU B 300 38.56 -13.03 1.30
CA LEU B 300 37.86 -14.19 1.81
C LEU B 300 37.92 -15.33 0.82
N LEU B 301 37.90 -15.03 -0.46
CA LEU B 301 38.02 -16.04 -1.48
C LEU B 301 39.37 -16.75 -1.37
N SER B 302 40.40 -15.98 -1.12
CA SER B 302 41.72 -16.54 -0.94
C SER B 302 41.77 -17.40 0.30
N ALA B 303 41.20 -16.89 1.37
CA ALA B 303 41.26 -17.57 2.66
C ALA B 303 40.34 -18.79 2.72
N GLY B 304 39.51 -18.97 1.70
CA GLY B 304 38.57 -20.06 1.65
C GLY B 304 37.46 -19.88 2.64
N LEU B 305 37.12 -18.62 2.92
CA LEU B 305 36.10 -18.26 3.92
C LEU B 305 34.80 -17.89 3.20
N PRO B 306 33.66 -18.00 3.88
CA PRO B 306 32.38 -17.64 3.29
C PRO B 306 32.24 -16.14 3.06
N LEU B 307 31.60 -15.78 1.94
CA LEU B 307 31.37 -14.37 1.62
C LEU B 307 30.10 -13.87 2.30
N PRO B 308 30.00 -12.55 2.51
CA PRO B 308 28.80 -11.99 3.11
C PRO B 308 27.61 -12.13 2.20
N LYS B 309 26.41 -12.16 2.76
CA LYS B 309 25.21 -12.28 1.94
C LYS B 309 24.84 -10.97 1.30
N LYS B 310 24.92 -9.89 2.05
CA LYS B 310 24.56 -8.59 1.52
C LYS B 310 25.46 -7.49 2.02
N ILE B 311 25.61 -6.46 1.18
CA ILE B 311 26.33 -5.27 1.52
C ILE B 311 25.42 -4.13 1.13
N VAL B 312 24.90 -3.40 2.09
CA VAL B 312 24.03 -2.28 1.80
C VAL B 312 24.80 -0.99 1.95
N ALA B 313 24.77 -0.17 0.90
CA ALA B 313 25.53 1.11 0.87
C ALA B 313 24.58 2.30 0.78
N HIS B 314 24.75 3.26 1.68
CA HIS B 314 23.87 4.42 1.71
C HIS B 314 24.60 5.72 1.33
N GLY B 315 23.91 6.85 1.47
CA GLY B 315 24.48 8.13 1.08
C GLY B 315 24.78 9.05 2.24
N TRP B 316 24.97 10.33 1.94
CA TRP B 316 25.34 11.32 2.97
C TRP B 316 24.17 12.21 3.34
N TRP B 317 24.39 13.06 4.35
CA TRP B 317 23.38 13.98 4.80
C TRP B 317 23.81 15.42 4.57
N THR B 318 22.82 16.28 4.41
CA THR B 318 23.02 17.72 4.39
C THR B 318 21.98 18.29 5.33
N LYS B 319 22.28 19.42 5.96
CA LYS B 319 21.28 20.15 6.72
C LYS B 319 20.98 21.42 5.94
N ASP B 320 19.69 21.70 5.76
CA ASP B 320 19.23 22.89 5.02
C ASP B 320 19.85 22.95 3.63
N ARG B 321 20.01 21.77 3.03
CA ARG B 321 20.46 21.58 1.64
C ARG B 321 21.91 21.95 1.40
N LYS B 322 22.61 22.38 2.45
CA LYS B 322 24.00 22.79 2.28
C LYS B 322 24.86 21.76 3.04
N LYS B 323 26.14 21.65 2.68
CA LYS B 323 27.06 20.67 3.30
C LYS B 323 27.20 20.87 4.80
N ILE B 324 27.30 19.77 5.52
CA ILE B 324 27.46 19.81 6.95
C ILE B 324 28.95 19.86 7.28
N SER B 325 29.41 21.01 7.75
CA SER B 325 30.80 21.17 8.14
C SER B 325 30.86 21.93 9.43
N LYS B 326 31.98 21.83 10.12
CA LYS B 326 32.14 22.57 11.36
C LYS B 326 32.64 23.95 11.02
N SER B 327 33.40 24.00 9.94
CA SER B 327 34.10 25.18 9.52
C SER B 327 33.32 25.92 8.47
N LEU B 328 32.00 25.91 8.59
CA LEU B 328 31.19 26.61 7.61
C LEU B 328 29.83 26.91 8.17
N GLY B 329 29.64 26.69 9.45
CA GLY B 329 28.42 27.09 10.09
C GLY B 329 27.34 26.04 10.18
N ASN B 330 27.42 25.03 9.33
CA ASN B 330 26.39 24.00 9.32
C ASN B 330 26.66 22.86 10.27
N VAL B 331 26.08 22.89 11.45
CA VAL B 331 26.29 21.82 12.37
C VAL B 331 25.01 21.00 12.44
N PHE B 332 25.13 19.71 12.13
CA PHE B 332 24.04 18.79 12.39
C PHE B 332 24.48 17.84 13.51
N ASP B 333 24.03 18.12 14.71
CA ASP B 333 24.39 17.32 15.87
C ASP B 333 23.20 16.45 16.27
N PRO B 334 23.24 15.18 15.87
CA PRO B 334 22.21 14.21 16.19
C PRO B 334 21.74 14.24 17.63
N VAL B 335 22.66 14.20 18.58
CA VAL B 335 22.26 14.12 19.98
C VAL B 335 21.57 15.41 20.40
N GLU B 336 21.96 16.52 19.79
CA GLU B 336 21.35 17.79 20.12
C GLU B 336 19.90 17.77 19.66
N LYS B 337 19.69 17.38 18.42
CA LYS B 337 18.34 17.33 17.82
C LYS B 337 17.44 16.33 18.53
N ALA B 338 17.99 15.21 18.95
CA ALA B 338 17.20 14.22 19.67
C ALA B 338 16.69 14.79 20.95
N GLU B 339 17.56 15.50 21.67
CA GLU B 339 17.18 16.09 22.94
C GLU B 339 16.03 17.08 22.78
N GLU B 340 15.91 17.67 21.59
CA GLU B 340 14.89 18.67 21.33
C GLU B 340 13.58 18.09 20.78
N PHE B 341 13.68 17.06 19.95
CA PHE B 341 12.49 16.49 19.30
C PHE B 341 12.16 15.06 19.74
N GLY B 342 13.09 14.37 20.37
CA GLY B 342 12.88 12.99 20.78
C GLY B 342 13.86 12.05 20.10
N TYR B 343 14.29 11.02 20.81
CA TYR B 343 15.25 10.08 20.25
C TYR B 343 14.64 9.20 19.16
N ASP B 344 13.60 8.45 19.52
CA ASP B 344 12.87 7.66 18.57
C ASP B 344 12.43 8.53 17.39
N ALA B 345 11.87 9.69 17.66
CA ALA B 345 11.41 10.57 16.61
C ALA B 345 12.50 10.92 15.62
N LEU B 346 13.71 11.15 16.11
CA LEU B 346 14.80 11.53 15.24
C LEU B 346 15.22 10.35 14.39
N LYS B 347 15.29 9.18 15.02
CA LYS B 347 15.63 7.95 14.32
C LYS B 347 14.59 7.65 13.24
N TYR B 348 13.32 7.93 13.56
CA TYR B 348 12.27 7.81 12.58
C TYR B 348 12.52 8.71 11.39
N PHE B 349 12.81 9.98 11.65
CA PHE B 349 13.06 10.92 10.58
C PHE B 349 14.20 10.49 9.69
N LEU B 350 15.34 10.19 10.31
CA LEU B 350 16.51 9.80 9.54
C LEU B 350 16.24 8.60 8.62
N LEU B 351 15.44 7.66 9.11
CA LEU B 351 15.21 6.43 8.39
C LEU B 351 14.08 6.55 7.38
N ARG B 352 13.20 7.53 7.59
CA ARG B 352 12.05 7.72 6.71
C ARG B 352 12.30 8.77 5.63
N GLU B 353 13.06 9.80 5.97
CA GLU B 353 13.21 10.92 5.06
C GLU B 353 13.94 10.53 3.80
N SER B 354 14.95 9.70 3.92
CA SER B 354 15.65 9.27 2.74
C SER B 354 15.89 7.78 2.71
N GLY B 355 16.10 7.28 1.51
CA GLY B 355 16.46 5.91 1.31
C GLY B 355 17.95 5.82 1.04
N PHE B 356 18.44 4.60 0.89
CA PHE B 356 19.86 4.35 0.73
C PHE B 356 20.37 4.78 -0.62
N SER B 357 19.46 4.95 -1.56
CA SER B 357 19.86 5.45 -2.88
C SER B 357 20.08 6.97 -2.86
N ASP B 358 19.54 7.65 -1.87
CA ASP B 358 19.55 9.10 -1.84
C ASP B 358 20.44 9.67 -0.76
N ASP B 359 20.88 10.90 -0.99
CA ASP B 359 21.50 11.69 0.05
C ASP B 359 20.42 12.47 0.78
N GLY B 360 20.18 12.11 2.04
CA GLY B 360 19.15 12.73 2.86
C GLY B 360 19.32 14.22 3.09
N ASP B 361 18.28 14.85 3.67
CA ASP B 361 18.28 16.28 3.94
C ASP B 361 17.46 16.66 5.18
N TYR B 362 18.16 16.89 6.28
CA TYR B 362 17.50 17.33 7.50
C TYR B 362 17.19 18.82 7.48
N SER B 363 16.04 19.18 8.04
CA SER B 363 15.76 20.56 8.41
C SER B 363 14.72 20.52 9.50
N ASP B 364 14.63 21.58 10.27
CA ASP B 364 13.67 21.63 11.36
C ASP B 364 12.25 21.62 10.80
N LYS B 365 12.03 22.31 9.71
CA LYS B 365 10.72 22.33 9.07
C LYS B 365 10.19 20.92 8.81
N ASN B 366 10.92 20.14 8.01
CA ASN B 366 10.51 18.77 7.64
C ASN B 366 10.47 17.83 8.82
N MET B 367 11.42 17.97 9.73
CA MET B 367 11.48 17.12 10.90
C MET B 367 10.18 17.24 11.70
N ILE B 368 9.69 18.47 11.82
CA ILE B 368 8.47 18.72 12.55
C ILE B 368 7.27 18.36 11.68
N ALA B 369 7.45 18.43 10.37
CA ALA B 369 6.40 18.05 9.45
C ALA B 369 6.10 16.56 9.62
N ARG B 370 7.15 15.75 9.70
CA ARG B 370 6.97 14.32 9.87
C ARG B 370 6.59 13.95 11.29
N LEU B 371 7.14 14.65 12.28
CA LEU B 371 6.80 14.37 13.66
C LEU B 371 5.32 14.64 13.92
N ASN B 372 4.85 15.78 13.43
CA ASN B 372 3.45 16.16 13.61
C ASN B 372 2.50 15.28 12.83
N GLY B 373 2.71 15.19 11.54
CA GLY B 373 1.81 14.45 10.65
C GLY B 373 1.79 12.94 10.77
N GLU B 374 2.95 12.31 10.87
CA GLU B 374 2.98 10.85 10.84
C GLU B 374 3.03 10.28 12.23
N LEU B 375 3.88 10.85 13.08
CA LEU B 375 4.08 10.33 14.44
C LEU B 375 2.99 10.70 15.42
N ALA B 376 2.59 11.95 15.47
CA ALA B 376 1.51 12.38 16.36
C ALA B 376 0.12 12.14 15.72
N ASP B 377 -0.09 12.66 14.53
CA ASP B 377 -1.40 12.61 13.92
C ASP B 377 -1.78 11.20 13.51
N THR B 378 -1.00 10.56 12.65
CA THR B 378 -1.36 9.21 12.20
C THR B 378 -1.26 8.18 13.31
N LEU B 379 -0.08 8.01 13.88
CA LEU B 379 0.16 6.97 14.89
C LEU B 379 -0.35 7.33 16.30
N GLY B 380 0.16 8.42 16.85
CA GLY B 380 -0.13 8.79 18.22
C GLY B 380 -1.60 8.93 18.48
N ASN B 381 -2.28 9.68 17.61
CA ASN B 381 -3.72 9.89 17.73
C ASN B 381 -4.51 8.58 17.69
N LEU B 382 -4.06 7.65 16.85
CA LEU B 382 -4.73 6.37 16.72
C LEU B 382 -4.61 5.57 17.99
N VAL B 383 -3.46 5.66 18.66
CA VAL B 383 -3.24 4.91 19.88
C VAL B 383 -4.11 5.46 21.01
N MET B 384 -4.28 6.78 21.02
CA MET B 384 -5.10 7.41 22.04
C MET B 384 -6.54 7.07 21.86
N ARG B 385 -6.99 7.13 20.60
CA ARG B 385 -8.36 6.76 20.22
C ARG B 385 -8.83 5.42 20.77
N CYS B 386 -8.10 4.35 20.51
CA CYS B 386 -8.59 3.04 20.90
C CYS B 386 -8.40 2.75 22.38
N THR B 387 -7.60 3.57 23.04
CA THR B 387 -7.31 3.34 24.46
C THR B 387 -8.17 4.22 25.33
N SER B 388 -8.61 5.35 24.77
CA SER B 388 -9.34 6.36 25.52
C SER B 388 -10.59 5.79 26.17
N ALA B 389 -10.95 6.34 27.32
CA ALA B 389 -12.02 5.78 28.12
C ALA B 389 -13.38 6.08 27.51
N LYS B 390 -13.41 7.14 26.70
CA LYS B 390 -14.62 7.54 26.00
C LYS B 390 -15.11 6.37 25.15
N ILE B 391 -14.24 5.90 24.26
CA ILE B 391 -14.55 4.81 23.33
C ILE B 391 -14.37 3.43 23.96
N ASN B 392 -13.18 3.17 24.48
CA ASN B 392 -12.88 1.88 25.12
C ASN B 392 -13.28 1.95 26.58
N VAL B 393 -14.57 1.82 26.84
CA VAL B 393 -15.08 2.08 28.19
C VAL B 393 -14.70 1.02 29.21
N ASN B 394 -14.54 -0.23 28.78
CA ASN B 394 -14.16 -1.28 29.75
C ASN B 394 -12.66 -1.44 29.93
N GLY B 395 -11.89 -0.58 29.25
CA GLY B 395 -10.43 -0.67 29.23
C GLY B 395 -9.90 -2.07 28.99
N GLU B 396 -10.29 -2.67 27.88
CA GLU B 396 -9.84 -4.03 27.56
C GLU B 396 -10.03 -4.30 26.08
N TRP B 397 -9.41 -5.38 25.59
CA TRP B 397 -9.62 -5.88 24.25
C TRP B 397 -10.97 -6.59 24.16
N PRO B 398 -11.92 -6.04 23.36
CA PRO B 398 -13.23 -6.64 23.27
C PRO B 398 -13.25 -7.87 22.42
N SER B 399 -14.29 -8.67 22.56
CA SER B 399 -14.43 -9.84 21.73
C SER B 399 -15.23 -9.39 20.51
N PRO B 400 -14.70 -9.63 19.32
CA PRO B 400 -15.34 -9.06 18.12
C PRO B 400 -16.63 -9.77 17.74
N ALA B 401 -17.59 -9.03 17.22
CA ALA B 401 -18.82 -9.63 16.69
C ALA B 401 -18.57 -10.07 15.27
N ALA B 402 -19.58 -9.96 14.41
CA ALA B 402 -19.43 -10.43 13.06
C ALA B 402 -18.76 -9.37 12.19
N TYR B 403 -17.97 -9.84 11.24
CA TYR B 403 -17.17 -8.97 10.39
C TYR B 403 -17.87 -8.62 9.08
N THR B 404 -17.95 -7.34 8.77
CA THR B 404 -18.39 -6.93 7.45
C THR B 404 -17.28 -7.13 6.42
N GLU B 405 -17.54 -6.81 5.17
CA GLU B 405 -16.48 -6.82 4.17
C GLU B 405 -15.51 -5.66 4.38
N GLU B 406 -15.96 -4.56 4.98
CA GLU B 406 -15.05 -3.48 5.19
C GLU B 406 -14.06 -3.89 6.26
N ASP B 407 -14.59 -4.45 7.34
CA ASP B 407 -13.76 -5.08 8.36
C ASP B 407 -12.75 -6.00 7.73
N GLU B 408 -13.21 -6.97 6.96
CA GLU B 408 -12.33 -7.98 6.37
C GLU B 408 -11.25 -7.37 5.48
N SER B 409 -11.57 -6.23 4.85
CA SER B 409 -10.61 -5.63 3.96
C SER B 409 -9.47 -5.04 4.78
N LEU B 410 -9.81 -4.41 5.90
CA LEU B 410 -8.79 -3.87 6.80
C LEU B 410 -8.00 -4.98 7.44
N ILE B 411 -8.69 -6.02 7.89
CA ILE B 411 -8.04 -7.21 8.43
C ILE B 411 -7.08 -7.84 7.43
N GLN B 412 -7.33 -7.68 6.15
CA GLN B 412 -6.42 -8.28 5.19
C GLN B 412 -5.14 -7.48 5.19
N LEU B 413 -5.26 -6.16 5.33
CA LEU B 413 -4.08 -5.32 5.27
C LEU B 413 -3.20 -5.63 6.46
N ILE B 414 -3.81 -5.87 7.62
CA ILE B 414 -3.10 -6.17 8.83
C ILE B 414 -2.42 -7.53 8.75
N LYS B 415 -3.08 -8.50 8.13
CA LYS B 415 -2.48 -9.83 7.92
C LYS B 415 -1.31 -9.82 6.93
N ASP B 416 -1.41 -9.03 5.88
CA ASP B 416 -0.42 -9.07 4.85
C ASP B 416 0.80 -8.29 5.22
N LEU B 417 0.66 -7.37 6.17
CA LEU B 417 1.70 -6.43 6.52
C LEU B 417 2.99 -7.08 6.97
N PRO B 418 2.93 -8.05 7.88
CA PRO B 418 4.19 -8.63 8.32
C PRO B 418 5.05 -9.24 7.22
N GLY B 419 4.47 -9.95 6.28
CA GLY B 419 5.25 -10.56 5.22
C GLY B 419 5.78 -9.55 4.24
N THR B 420 5.03 -8.47 4.07
CA THR B 420 5.45 -7.36 3.23
C THR B 420 6.66 -6.71 3.86
N ALA B 421 6.46 -6.20 5.07
CA ALA B 421 7.51 -5.52 5.82
C ALA B 421 8.73 -6.40 6.01
N ASP B 422 8.54 -7.69 6.20
CA ASP B 422 9.67 -8.60 6.30
C ASP B 422 10.57 -8.55 5.07
N HIS B 423 10.01 -8.57 3.87
CA HIS B 423 10.84 -8.51 2.67
C HIS B 423 11.57 -7.18 2.56
N TYR B 424 10.94 -6.11 2.97
CA TYR B 424 11.56 -4.81 2.93
C TYR B 424 12.73 -4.75 3.90
N TYR B 425 12.54 -5.28 5.10
CA TYR B 425 13.60 -5.29 6.10
C TYR B 425 14.76 -6.14 5.64
N LEU B 426 14.47 -7.15 4.84
CA LEU B 426 15.48 -8.10 4.43
C LEU B 426 16.28 -7.66 3.23
N ILE B 427 15.75 -6.70 2.46
CA ILE B 427 16.39 -6.29 1.23
C ILE B 427 17.84 -5.81 1.44
N PRO B 428 18.08 -4.90 2.40
CA PRO B 428 17.21 -4.14 3.31
C PRO B 428 16.80 -2.80 2.76
N ASP B 429 15.56 -2.41 3.03
CA ASP B 429 15.04 -1.10 2.62
C ASP B 429 14.17 -0.70 3.75
N ILE B 430 14.72 0.06 4.68
CA ILE B 430 14.02 0.35 5.91
C ILE B 430 12.99 1.45 5.68
N GLN B 431 13.23 2.26 4.67
CA GLN B 431 12.29 3.32 4.35
C GLN B 431 11.01 2.70 3.84
N LYS B 432 11.13 1.75 2.95
CA LYS B 432 9.97 1.07 2.41
C LYS B 432 9.25 0.25 3.46
N ALA B 433 9.99 -0.36 4.38
CA ALA B 433 9.34 -1.06 5.48
C ALA B 433 8.50 -0.11 6.31
N ILE B 434 9.01 1.09 6.57
CA ILE B 434 8.29 2.08 7.36
C ILE B 434 7.03 2.55 6.64
N ILE B 435 7.17 2.89 5.37
CA ILE B 435 6.07 3.33 4.56
C ILE B 435 4.96 2.28 4.52
N ALA B 436 5.32 1.03 4.32
CA ALA B 436 4.36 -0.03 4.33
C ALA B 436 3.55 -0.06 5.61
N VAL B 437 4.22 0.08 6.76
CA VAL B 437 3.50 0.08 8.03
C VAL B 437 2.54 1.25 8.09
N PHE B 438 2.99 2.41 7.66
CA PHE B 438 2.18 3.61 7.75
C PHE B 438 1.02 3.59 6.76
N ASP B 439 1.17 2.87 5.66
CA ASP B 439 0.03 2.62 4.81
C ASP B 439 -1.08 1.92 5.60
N VAL B 440 -0.74 0.92 6.38
CA VAL B 440 -1.74 0.25 7.18
C VAL B 440 -2.20 1.17 8.28
N LEU B 441 -1.35 2.07 8.75
CA LEU B 441 -1.78 2.97 9.82
C LEU B 441 -2.81 3.94 9.25
N ARG B 442 -2.55 4.43 8.05
CA ARG B 442 -3.47 5.34 7.41
C ARG B 442 -4.81 4.68 7.19
N ALA B 443 -4.79 3.43 6.76
CA ALA B 443 -6.04 2.68 6.55
C ALA B 443 -6.86 2.53 7.81
N ILE B 444 -6.21 2.24 8.93
CA ILE B 444 -6.91 2.04 10.20
C ILE B 444 -7.59 3.33 10.65
N ASN B 445 -6.96 4.47 10.40
CA ASN B 445 -7.58 5.75 10.72
C ASN B 445 -8.80 6.02 9.87
N ALA B 446 -8.67 5.73 8.58
CA ALA B 446 -9.77 5.77 7.65
C ALA B 446 -10.94 4.95 8.15
N TYR B 447 -10.65 3.70 8.49
CA TYR B 447 -11.67 2.80 9.03
C TYR B 447 -12.30 3.35 10.27
N VAL B 448 -11.49 3.94 11.16
CA VAL B 448 -12.00 4.46 12.41
C VAL B 448 -12.89 5.64 12.13
N THR B 449 -12.43 6.50 11.25
CA THR B 449 -13.22 7.64 10.83
C THR B 449 -14.56 7.22 10.22
N ASP B 450 -14.55 6.24 9.34
CA ASP B 450 -15.80 5.69 8.78
C ASP B 450 -16.71 5.13 9.84
N MET B 451 -16.16 4.31 10.74
CA MET B 451 -16.99 3.55 11.66
C MET B 451 -17.38 4.39 12.87
N ALA B 452 -16.79 5.57 13.00
CA ALA B 452 -17.03 6.49 14.11
C ALA B 452 -17.33 5.84 15.45
N PRO B 453 -16.34 5.18 16.07
CA PRO B 453 -16.63 4.38 17.26
C PRO B 453 -17.17 5.18 18.44
N TRP B 454 -16.92 6.48 18.44
CA TRP B 454 -17.42 7.34 19.51
C TRP B 454 -18.94 7.39 19.52
N LYS B 455 -19.54 7.34 18.35
CA LYS B 455 -20.98 7.26 18.22
C LYS B 455 -21.52 5.87 18.58
N LEU B 456 -20.75 4.83 18.31
CA LEU B 456 -21.20 3.47 18.51
C LEU B 456 -21.35 3.06 19.97
N VAL B 457 -20.81 3.83 20.90
CA VAL B 457 -20.90 3.47 22.33
C VAL B 457 -22.35 3.54 22.76
N LYS B 458 -23.11 4.43 22.11
CA LYS B 458 -24.53 4.61 22.38
C LYS B 458 -25.38 3.87 21.35
N THR B 459 -25.04 4.05 20.07
CA THR B 459 -25.78 3.46 18.97
C THR B 459 -25.76 1.92 18.91
N ASP B 460 -24.59 1.32 19.07
CA ASP B 460 -24.43 -0.11 18.80
C ASP B 460 -23.21 -0.71 19.50
N PRO B 461 -23.36 -1.09 20.76
CA PRO B 461 -22.24 -1.64 21.53
C PRO B 461 -21.62 -2.87 20.92
N GLU B 462 -22.43 -3.71 20.28
CA GLU B 462 -21.90 -4.97 19.77
C GLU B 462 -21.06 -4.70 18.52
N ARG B 463 -21.39 -3.63 17.80
CA ARG B 463 -20.62 -3.31 16.61
C ARG B 463 -19.29 -2.72 17.02
N LEU B 464 -19.33 -1.90 18.07
CA LEU B 464 -18.14 -1.29 18.64
C LEU B 464 -17.11 -2.33 19.06
N ARG B 465 -17.58 -3.43 19.60
CA ARG B 465 -16.72 -4.53 19.97
C ARG B 465 -15.86 -4.90 18.77
N THR B 466 -16.50 -5.14 17.64
CA THR B 466 -15.78 -5.52 16.46
C THR B 466 -14.82 -4.42 16.03
N VAL B 467 -15.29 -3.18 16.02
CA VAL B 467 -14.52 -2.07 15.48
C VAL B 467 -13.31 -1.81 16.32
N LEU B 468 -13.54 -1.82 17.63
CA LEU B 468 -12.50 -1.56 18.58
C LEU B 468 -11.43 -2.63 18.50
N TYR B 469 -11.85 -3.87 18.51
CA TYR B 469 -10.91 -4.99 18.47
C TYR B 469 -9.99 -4.95 17.28
N ILE B 470 -10.54 -4.59 16.13
CA ILE B 470 -9.75 -4.57 14.91
C ILE B 470 -8.76 -3.44 15.00
N THR B 471 -9.19 -2.28 15.48
CA THR B 471 -8.29 -1.15 15.60
C THR B 471 -7.16 -1.49 16.55
N LEU B 472 -7.52 -1.98 17.73
CA LEU B 472 -6.54 -2.47 18.69
C LEU B 472 -5.51 -3.38 18.06
N GLU B 473 -5.96 -4.46 17.45
CA GLU B 473 -5.06 -5.38 16.77
C GLU B 473 -4.31 -4.73 15.61
N GLY B 474 -4.89 -3.73 14.97
CA GLY B 474 -4.17 -3.07 13.88
C GLY B 474 -3.01 -2.29 14.44
N VAL B 475 -3.22 -1.69 15.59
CA VAL B 475 -2.21 -0.87 16.24
C VAL B 475 -1.10 -1.72 16.84
N ARG B 476 -1.44 -2.89 17.39
CA ARG B 476 -0.44 -3.80 17.93
C ARG B 476 0.51 -4.29 16.86
N VAL B 477 -0.04 -4.77 15.74
CA VAL B 477 0.79 -5.32 14.68
C VAL B 477 1.63 -4.28 13.99
N THR B 478 1.11 -3.06 13.80
CA THR B 478 1.91 -2.02 13.16
C THR B 478 3.01 -1.58 14.09
N THR B 479 2.70 -1.55 15.38
CA THR B 479 3.66 -1.15 16.39
C THR B 479 4.75 -2.17 16.53
N LEU B 480 4.39 -3.43 16.41
CA LEU B 480 5.36 -4.51 16.53
C LEU B 480 6.42 -4.39 15.45
N LEU B 481 6.00 -4.11 14.23
CA LEU B 481 6.92 -4.04 13.12
C LEU B 481 7.60 -2.68 13.05
N LEU B 482 7.10 -1.74 13.82
CA LEU B 482 7.72 -0.42 13.90
C LEU B 482 8.70 -0.34 15.10
N SER B 483 8.69 -1.36 15.96
CA SER B 483 9.50 -1.31 17.18
C SER B 483 11.01 -1.35 16.94
N PRO B 484 11.48 -1.90 15.81
CA PRO B 484 12.90 -1.64 15.56
C PRO B 484 13.21 -0.20 15.19
N ILE B 485 12.19 0.62 14.91
CA ILE B 485 12.39 2.00 14.50
C ILE B 485 12.14 2.92 15.68
N LEU B 486 11.13 2.58 16.46
CA LEU B 486 10.78 3.34 17.65
C LEU B 486 10.86 2.40 18.84
N PRO B 487 12.08 1.98 19.22
CA PRO B 487 12.19 0.96 20.27
C PRO B 487 11.64 1.37 21.62
N ARG B 488 11.69 2.67 21.94
CA ARG B 488 11.19 3.18 23.22
C ARG B 488 9.70 3.43 23.22
N LYS B 489 9.23 4.15 22.22
CA LYS B 489 7.81 4.46 22.08
C LYS B 489 6.96 3.23 21.85
N SER B 490 7.50 2.20 21.21
CA SER B 490 6.75 0.97 21.04
C SER B 490 6.42 0.31 22.37
N VAL B 491 7.32 0.44 23.32
CA VAL B 491 7.10 -0.13 24.65
C VAL B 491 6.00 0.65 25.35
N VAL B 492 6.05 1.98 25.26
CA VAL B 492 4.95 2.77 25.77
C VAL B 492 3.60 2.29 25.20
N ILE B 493 3.50 2.27 23.88
CA ILE B 493 2.29 1.88 23.18
C ILE B 493 1.81 0.52 23.66
N PHE B 494 2.68 -0.47 23.61
CA PHE B 494 2.37 -1.81 24.13
C PHE B 494 1.89 -1.79 25.58
N ASP B 495 2.50 -0.98 26.43
CA ASP B 495 2.05 -0.85 27.82
C ASP B 495 0.65 -0.31 27.83
N MET B 496 0.41 0.73 27.05
CA MET B 496 -0.93 1.32 26.97
C MET B 496 -1.94 0.27 26.54
N LEU B 497 -1.58 -0.53 25.55
CA LEU B 497 -2.47 -1.54 24.99
C LEU B 497 -2.56 -2.77 25.88
N GLY B 498 -1.65 -2.86 26.83
CA GLY B 498 -1.68 -3.94 27.80
C GLY B 498 -1.24 -5.23 27.17
N VAL B 499 -0.29 -5.15 26.25
CA VAL B 499 0.21 -6.35 25.62
C VAL B 499 1.23 -7.02 26.52
N PRO B 500 1.00 -8.28 26.87
CA PRO B 500 1.97 -9.10 27.61
C PRO B 500 3.32 -9.10 26.93
N GLU B 501 4.40 -9.21 27.69
CA GLU B 501 5.75 -9.15 27.14
C GLU B 501 6.03 -10.28 26.17
N VAL B 502 5.43 -11.43 26.40
CA VAL B 502 5.68 -12.57 25.56
C VAL B 502 5.18 -12.31 24.13
N HIS B 503 4.24 -11.37 23.98
CA HIS B 503 3.65 -11.08 22.69
C HIS B 503 4.25 -9.84 22.03
N ARG B 504 5.37 -9.37 22.57
CA ARG B 504 6.01 -8.17 22.04
C ARG B 504 7.20 -8.53 21.17
N LYS B 505 7.49 -9.83 21.06
CA LYS B 505 8.50 -10.30 20.14
C LYS B 505 8.21 -11.73 19.76
N GLY B 506 8.67 -12.15 18.58
CA GLY B 506 8.47 -13.52 18.12
C GLY B 506 7.67 -13.51 16.84
N ILE B 507 8.17 -14.20 15.83
CA ILE B 507 7.52 -14.23 14.52
C ILE B 507 6.06 -14.72 14.61
N GLU B 508 5.78 -15.53 15.61
CA GLU B 508 4.46 -16.11 15.76
C GLU B 508 3.47 -15.05 16.20
N ASN B 509 3.98 -13.93 16.69
CA ASN B 509 3.15 -12.83 17.16
C ASN B 509 2.94 -11.79 16.10
N PHE B 510 3.45 -12.08 14.92
CA PHE B 510 3.20 -11.26 13.76
C PHE B 510 1.78 -11.59 13.31
N GLU B 511 1.29 -12.75 13.73
CA GLU B 511 -0.02 -13.24 13.34
C GLU B 511 -1.16 -12.42 13.92
N PHE B 512 -2.22 -12.33 13.14
CA PHE B 512 -3.42 -11.59 13.51
C PHE B 512 -4.09 -12.32 14.66
N GLY B 513 -4.38 -11.59 15.72
CA GLY B 513 -5.10 -12.15 16.83
C GLY B 513 -4.27 -12.90 17.85
N ALA B 514 -3.05 -12.43 18.10
CA ALA B 514 -2.17 -13.10 19.06
C ALA B 514 -2.49 -12.70 20.48
N VAL B 515 -3.15 -11.56 20.64
CA VAL B 515 -3.57 -11.10 21.95
C VAL B 515 -5.06 -11.34 22.13
N PRO B 516 -5.43 -12.19 23.09
CA PRO B 516 -6.84 -12.59 23.27
C PRO B 516 -7.70 -11.52 23.88
N PRO B 517 -8.98 -11.46 23.48
CA PRO B 517 -9.91 -10.55 24.14
C PRO B 517 -10.04 -10.91 25.62
N GLY B 518 -10.26 -9.89 26.43
CA GLY B 518 -10.24 -10.03 27.86
C GLY B 518 -9.02 -9.33 28.40
N THR B 519 -7.97 -9.29 27.58
CA THR B 519 -6.74 -8.62 27.93
C THR B 519 -7.03 -7.19 28.37
N ARG B 520 -6.53 -6.81 29.53
CA ARG B 520 -6.83 -5.49 30.03
C ARG B 520 -5.76 -4.50 29.64
N LEU B 521 -6.18 -3.31 29.31
CA LEU B 521 -5.27 -2.24 28.94
C LEU B 521 -4.35 -1.87 30.10
N GLY B 522 -3.35 -1.06 29.81
CA GLY B 522 -2.46 -0.58 30.83
C GLY B 522 -3.07 0.62 31.51
N PRO B 523 -2.58 0.98 32.70
CA PRO B 523 -3.11 2.15 33.40
C PRO B 523 -3.00 3.39 32.57
N ALA B 524 -4.00 4.25 32.62
CA ALA B 524 -3.93 5.48 31.87
C ALA B 524 -3.24 6.53 32.73
N VAL B 525 -2.05 6.93 32.33
CA VAL B 525 -1.35 8.00 33.03
C VAL B 525 -2.11 9.29 32.69
N GLU B 526 -2.46 10.07 33.70
CA GLU B 526 -3.28 11.26 33.46
C GLU B 526 -2.37 12.38 32.98
N GLY B 527 -2.80 13.10 31.96
CA GLY B 527 -1.92 14.00 31.24
C GLY B 527 -0.90 13.17 30.48
N GLU B 528 -1.38 12.46 29.46
CA GLU B 528 -0.53 11.57 28.66
C GLU B 528 -0.41 12.07 27.23
N VAL B 529 0.81 12.07 26.72
CA VAL B 529 1.02 12.34 25.30
C VAL B 529 2.14 11.44 24.77
N LEU B 530 1.88 10.76 23.68
CA LEU B 530 2.84 9.81 23.12
C LEU B 530 3.92 10.54 22.33
N PHE B 531 3.50 11.34 21.37
CA PHE B 531 4.36 12.28 20.70
C PHE B 531 3.71 13.66 20.79
N SER B 532 4.44 14.61 21.36
CA SER B 532 3.94 15.96 21.53
C SER B 532 4.22 16.76 20.27
N LYS B 533 3.20 17.43 19.74
CA LYS B 533 3.34 18.21 18.51
C LYS B 533 4.10 19.50 18.74
N ARG B 534 5.08 19.80 17.89
CA ARG B 534 5.85 21.04 17.98
C ARG B 534 5.36 22.06 16.96
N SER B 535 5.99 23.24 16.89
CA SER B 535 5.35 24.44 16.31
C SER B 535 5.91 25.00 14.98
N THR B 536 5.26 26.09 14.54
CA THR B 536 5.47 26.73 13.22
C THR B 536 5.58 25.68 12.12
C1 GOL C . -5.48 12.67 -6.14
O1 GOL C . -4.92 11.69 -7.01
C2 GOL C . -5.80 11.88 -4.90
O2 GOL C . -5.62 10.54 -5.30
C3 GOL C . -7.26 12.05 -4.54
O3 GOL C . -7.81 10.77 -4.27
C1 GOL D . -6.11 -18.11 -27.15
O1 GOL D . -5.09 -19.11 -27.16
C2 GOL D . -7.31 -18.74 -26.48
O2 GOL D . -8.19 -19.23 -27.48
C3 GOL D . -6.86 -19.87 -25.53
O3 GOL D . -7.64 -19.96 -24.33
C1 GOL E . -12.61 3.78 -28.06
O1 GOL E . -11.45 4.54 -28.39
C2 GOL E . -12.53 3.51 -26.57
O2 GOL E . -11.45 4.26 -26.00
C3 GOL E . -12.23 2.05 -26.32
O3 GOL E . -12.11 1.91 -24.91
C1 GOL F . -38.16 23.37 -10.06
O1 GOL F . -37.62 24.39 -9.20
C2 GOL F . -39.51 22.81 -9.57
O2 GOL F . -39.31 21.76 -8.64
C3 GOL F . -40.29 22.18 -10.68
O3 GOL F . -41.05 21.10 -10.12
S DMS G . -37.55 9.83 6.55
O DMS G . -38.20 8.66 7.25
C1 DMS G . -36.78 10.95 7.64
C2 DMS G . -36.22 9.37 5.55
S DMS H . -42.10 9.38 4.77
O DMS H . -42.46 10.73 5.28
C1 DMS H . -41.13 8.57 5.93
C2 DMS H . -43.51 8.38 4.79
N MET I . -37.24 6.47 -10.56
CA MET I . -36.38 6.83 -9.41
C MET I . -35.40 7.90 -9.83
O MET I . -35.14 8.17 -11.01
CB MET I . -35.63 5.60 -8.93
CG MET I . -36.52 4.42 -8.60
SD MET I . -35.52 2.95 -8.37
CE MET I . -36.75 1.81 -7.75
OXT MET I . -34.80 8.51 -8.94
C1 GOL J . 6.48 12.62 1.64
O1 GOL J . 6.22 11.74 2.73
C2 GOL J . 7.00 11.80 0.49
O2 GOL J . 6.74 10.41 0.73
C3 GOL J . 8.49 11.87 0.45
O3 GOL J . 8.92 10.51 0.40
S DMS K . 24.83 -0.21 22.77
O DMS K . 25.92 0.15 21.80
C1 DMS K . 25.37 -1.27 24.02
C2 DMS K . 24.51 1.20 23.73
CAJ 8W2 L . 38.14 2.41 4.97
CBA 8W2 L . 37.61 1.35 5.59
CAU 8W2 L . 37.84 0.07 5.42
CL1 8W2 L . 39.01 -0.42 4.28
CAH 8W2 L . 37.14 -0.87 6.18
CAT 8W2 L . 36.21 -0.42 7.09
CL2 8W2 L . 35.39 -1.48 7.98
CAI 8W2 L . 36.00 0.93 7.26
CAZ 8W2 L . 36.70 1.78 6.50
NAR 8W2 L . 36.66 3.13 6.45
CAV 8W2 L . 37.57 3.49 5.52
CAN 8W2 L . 37.92 4.94 5.17
NAP 8W2 L . 38.11 5.78 6.39
CAL 8W2 L . 39.27 5.52 7.30
CAK 8W2 L . 40.60 5.84 6.60
CAM 8W2 L . 41.77 5.88 7.62
NAQ 8W2 L . 42.01 4.59 8.32
CAW 8W2 L . 43.23 4.05 8.34
NAS 8W2 L . 43.39 2.80 8.79
CAY 8W2 L . 44.60 2.23 8.81
CAF 8W2 L . 44.72 0.93 9.28
CAD 8W2 L . 45.97 0.33 9.30
CAE 8W2 L . 47.09 1.00 8.83
CAG 8W2 L . 46.99 2.29 8.36
CBB 8W2 L . 45.74 2.91 8.35
CAX 8W2 L . 45.59 4.23 7.87
OAA 8W2 L . 46.56 4.87 7.45
NAO 8W2 L . 44.32 4.80 7.88
#